data_5F53
# 
_entry.id   5F53 
# 
_audit_conform.dict_name       mmcif_pdbx.dic 
_audit_conform.dict_version    5.387 
_audit_conform.dict_location   http://mmcif.pdb.org/dictionaries/ascii/mmcif_pdbx.dic 
# 
loop_
_database_2.database_id 
_database_2.database_code 
_database_2.pdbx_database_accession 
_database_2.pdbx_DOI 
PDB   5F53         pdb_00005f53 10.2210/pdb5f53/pdb 
WWPDB D_1000214233 ?            ?                   
# 
loop_
_pdbx_audit_revision_history.ordinal 
_pdbx_audit_revision_history.data_content_type 
_pdbx_audit_revision_history.major_revision 
_pdbx_audit_revision_history.minor_revision 
_pdbx_audit_revision_history.revision_date 
1 'Structure model' 1 0 2016-12-14 
2 'Structure model' 1 1 2020-02-19 
3 'Structure model' 1 2 2024-03-20 
# 
_pdbx_audit_revision_details.ordinal             1 
_pdbx_audit_revision_details.revision_ordinal    1 
_pdbx_audit_revision_details.data_content_type   'Structure model' 
_pdbx_audit_revision_details.provider            repository 
_pdbx_audit_revision_details.type                'Initial release' 
_pdbx_audit_revision_details.description         ? 
_pdbx_audit_revision_details.details             ? 
# 
loop_
_pdbx_audit_revision_group.ordinal 
_pdbx_audit_revision_group.revision_ordinal 
_pdbx_audit_revision_group.data_content_type 
_pdbx_audit_revision_group.group 
1 2 'Structure model' 'Data collection'      
2 2 'Structure model' 'Derived calculations' 
3 3 'Structure model' 'Data collection'      
4 3 'Structure model' 'Database references'  
5 3 'Structure model' 'Derived calculations' 
# 
loop_
_pdbx_audit_revision_category.ordinal 
_pdbx_audit_revision_category.revision_ordinal 
_pdbx_audit_revision_category.data_content_type 
_pdbx_audit_revision_category.category 
1 2 'Structure model' diffrn_source                
2 2 'Structure model' pdbx_struct_special_symmetry 
3 3 'Structure model' chem_comp_atom               
4 3 'Structure model' chem_comp_bond               
5 3 'Structure model' database_2                   
6 3 'Structure model' pdbx_struct_conn_angle       
7 3 'Structure model' struct_conn                  
# 
loop_
_pdbx_audit_revision_item.ordinal 
_pdbx_audit_revision_item.revision_ordinal 
_pdbx_audit_revision_item.data_content_type 
_pdbx_audit_revision_item.item 
1  2 'Structure model' '_diffrn_source.pdbx_synchrotron_site'        
2  3 'Structure model' '_database_2.pdbx_DOI'                        
3  3 'Structure model' '_database_2.pdbx_database_accession'         
4  3 'Structure model' '_pdbx_struct_conn_angle.ptnr1_auth_comp_id'  
5  3 'Structure model' '_pdbx_struct_conn_angle.ptnr1_auth_seq_id'   
6  3 'Structure model' '_pdbx_struct_conn_angle.ptnr1_label_asym_id' 
7  3 'Structure model' '_pdbx_struct_conn_angle.ptnr1_label_atom_id' 
8  3 'Structure model' '_pdbx_struct_conn_angle.ptnr1_label_comp_id' 
9  3 'Structure model' '_pdbx_struct_conn_angle.ptnr1_label_seq_id'  
10 3 'Structure model' '_pdbx_struct_conn_angle.ptnr1_symmetry'      
11 3 'Structure model' '_pdbx_struct_conn_angle.ptnr3_auth_comp_id'  
12 3 'Structure model' '_pdbx_struct_conn_angle.ptnr3_auth_seq_id'   
13 3 'Structure model' '_pdbx_struct_conn_angle.ptnr3_label_asym_id' 
14 3 'Structure model' '_pdbx_struct_conn_angle.ptnr3_label_atom_id' 
15 3 'Structure model' '_pdbx_struct_conn_angle.ptnr3_label_comp_id' 
16 3 'Structure model' '_pdbx_struct_conn_angle.ptnr3_label_seq_id'  
17 3 'Structure model' '_pdbx_struct_conn_angle.ptnr3_symmetry'      
18 3 'Structure model' '_pdbx_struct_conn_angle.value'               
19 3 'Structure model' '_struct_conn.pdbx_dist_value'                
20 3 'Structure model' '_struct_conn.ptnr1_auth_comp_id'             
21 3 'Structure model' '_struct_conn.ptnr1_auth_seq_id'              
22 3 'Structure model' '_struct_conn.ptnr1_label_asym_id'            
23 3 'Structure model' '_struct_conn.ptnr1_label_atom_id'            
24 3 'Structure model' '_struct_conn.ptnr1_label_comp_id'            
25 3 'Structure model' '_struct_conn.ptnr1_label_seq_id'             
26 3 'Structure model' '_struct_conn.ptnr2_auth_comp_id'             
27 3 'Structure model' '_struct_conn.ptnr2_auth_seq_id'              
28 3 'Structure model' '_struct_conn.ptnr2_label_asym_id'            
29 3 'Structure model' '_struct_conn.ptnr2_label_atom_id'            
30 3 'Structure model' '_struct_conn.ptnr2_label_comp_id'            
31 3 'Structure model' '_struct_conn.ptnr2_symmetry'                 
# 
_pdbx_database_status.status_code                     REL 
_pdbx_database_status.status_code_sf                  REL 
_pdbx_database_status.status_code_mr                  ? 
_pdbx_database_status.entry_id                        5F53 
_pdbx_database_status.recvd_initial_deposition_date   2015-12-04 
_pdbx_database_status.SG_entry                        N 
_pdbx_database_status.deposit_site                    RCSB 
_pdbx_database_status.process_site                    PDBJ 
_pdbx_database_status.status_code_cs                  ? 
_pdbx_database_status.methods_development_category    ? 
_pdbx_database_status.pdb_format_compatible           Y 
_pdbx_database_status.status_code_nmr_data            ? 
# 
_pdbx_database_related.db_name        PDB 
_pdbx_database_related.details        'the metal-free structure of the same protein' 
_pdbx_database_related.db_id          4ZCN 
_pdbx_database_related.content_type   unspecified 
# 
loop_
_audit_author.name 
_audit_author.pdbx_ordinal 
'Voet, A.R.D.' 1 
'Tame, J.R.H.' 2 
# 
loop_
_citation.abstract 
_citation.abstract_id_CAS 
_citation.book_id_ISBN 
_citation.book_publisher 
_citation.book_publisher_city 
_citation.book_title 
_citation.coordinate_linkage 
_citation.country 
_citation.database_id_Medline 
_citation.details 
_citation.id 
_citation.journal_abbrev 
_citation.journal_id_ASTM 
_citation.journal_id_CSD 
_citation.journal_id_ISSN 
_citation.journal_full 
_citation.journal_issue 
_citation.journal_volume 
_citation.language 
_citation.page_first 
_citation.page_last 
_citation.title 
_citation.year 
_citation.database_id_CSD 
_citation.pdbx_database_id_DOI 
_citation.pdbx_database_id_PubMed 
_citation.unpublished_flag 
? ? ? ? ? ? ? ?  ? ? primary 'To Be Published'               ?      0353 ?         ? ? ?   ? ?     ?     
'A cadmium chloride ring created by a designed symmetrical protein'                      ?    ? ?                       ?        ? 
? ? ? ? ? ? ? GE ? ? 1       'Angew. Chem. Int. Ed. Engl.'   ACIEAY 0179 1521-3773 ? ? 54  ? 9857  9860  
'Biomineralization of a Cadmium Chloride Nanocrystal by a Designed Symmetrical Protein.' 2015 ? 10.1002/anie.201503575  26136355 ? 
? ? ? ? ? ? ? US ? ? 2       'Proc. Natl. Acad. Sci. U.S.A.' PNASA6 0040 1091-6490 ? ? 111 ? 15102 15107 
'Computational design of a self-assembling symmetrical beta-propeller protein.'          2014 ? 10.1073/pnas.1412768111 25288768 ? 
# 
loop_
_citation_author.citation_id 
_citation_author.name 
_citation_author.ordinal 
_citation_author.identifier_ORCID 
primary 'Voet, A.R.D.'  1  ? 
primary 'Terada, D.'    2  ? 
primary 'Noguchi, H.'   3  ? 
primary 'Addy, C.'      4  ? 
primary 'Unzai, S.'     5  ? 
primary 'Akashi, S.'    6  ? 
primary 'Zhang, K.Y.J.' 7  ? 
primary 'Tame, J.R.H.'  8  ? 
1       'Voet, A.R.D.'  9  ? 
1       'Noguchi, H.'   10 ? 
1       'Addy, C.'      11 ? 
1       'Zhang, K.Y.J.' 12 ? 
1       'Tame, J.R.H.'  13 ? 
2       'Voet, A.R.D.'  14 ? 
2       'Noguchi, H.'   15 ? 
2       'Addy, C.'      16 ? 
2       'Simoncini, D.' 17 ? 
2       'Terada, D.'    18 ? 
2       'Unzai, S.'     19 ? 
2       'Park, S.Y.'    20 ? 
2       'Zhang, K.Y.J.' 21 ? 
2       'Tame, J.R.H.'  22 ? 
# 
loop_
_entity.id 
_entity.type 
_entity.src_method 
_entity.pdbx_description 
_entity.formula_weight 
_entity.pdbx_number_of_molecules 
_entity.pdbx_ec 
_entity.pdbx_mutation 
_entity.pdbx_fragment 
_entity.details 
1 polymer     syn NVPIZZA2-S16S58 8763.629 1  ? ? ? ? 
2 non-polymer syn 'CADMIUM ION'   112.411  1  ? ? ? ? 
3 non-polymer syn 'CHLORIDE ION'  35.453   2  ? ? ? ? 
4 water       nat water           18.015   50 ? ? ? ? 
# 
_entity_poly.entity_id                      1 
_entity_poly.type                           'polypeptide(L)' 
_entity_poly.nstd_linkage                   no 
_entity_poly.nstd_monomer                   no 
_entity_poly.pdbx_seq_one_letter_code       
;GSHMFTGLNTPSGVAVDSAGTVYVTDHGNNRVVKLAAGSNTQTVLPFTGLNTPSGVAVDSAGTVYVTDHGNNRVVKLAAG
SNTQTVL
;
_entity_poly.pdbx_seq_one_letter_code_can   
;GSHMFTGLNTPSGVAVDSAGTVYVTDHGNNRVVKLAAGSNTQTVLPFTGLNTPSGVAVDSAGTVYVTDHGNNRVVKLAAG
SNTQTVL
;
_entity_poly.pdbx_strand_id                 A 
_entity_poly.pdbx_target_identifier         ? 
# 
loop_
_pdbx_entity_nonpoly.entity_id 
_pdbx_entity_nonpoly.name 
_pdbx_entity_nonpoly.comp_id 
2 'CADMIUM ION'  CD  
3 'CHLORIDE ION' CL  
4 water          HOH 
# 
loop_
_entity_poly_seq.entity_id 
_entity_poly_seq.num 
_entity_poly_seq.mon_id 
_entity_poly_seq.hetero 
1 1  GLY n 
1 2  SER n 
1 3  HIS n 
1 4  MET n 
1 5  PHE n 
1 6  THR n 
1 7  GLY n 
1 8  LEU n 
1 9  ASN n 
1 10 THR n 
1 11 PRO n 
1 12 SER n 
1 13 GLY n 
1 14 VAL n 
1 15 ALA n 
1 16 VAL n 
1 17 ASP n 
1 18 SER n 
1 19 ALA n 
1 20 GLY n 
1 21 THR n 
1 22 VAL n 
1 23 TYR n 
1 24 VAL n 
1 25 THR n 
1 26 ASP n 
1 27 HIS n 
1 28 GLY n 
1 29 ASN n 
1 30 ASN n 
1 31 ARG n 
1 32 VAL n 
1 33 VAL n 
1 34 LYS n 
1 35 LEU n 
1 36 ALA n 
1 37 ALA n 
1 38 GLY n 
1 39 SER n 
1 40 ASN n 
1 41 THR n 
1 42 GLN n 
1 43 THR n 
1 44 VAL n 
1 45 LEU n 
1 46 PRO n 
1 47 PHE n 
1 48 THR n 
1 49 GLY n 
1 50 LEU n 
1 51 ASN n 
1 52 THR n 
1 53 PRO n 
1 54 SER n 
1 55 GLY n 
1 56 VAL n 
1 57 ALA n 
1 58 VAL n 
1 59 ASP n 
1 60 SER n 
1 61 ALA n 
1 62 GLY n 
1 63 THR n 
1 64 VAL n 
1 65 TYR n 
1 66 VAL n 
1 67 THR n 
1 68 ASP n 
1 69 HIS n 
1 70 GLY n 
1 71 ASN n 
1 72 ASN n 
1 73 ARG n 
1 74 VAL n 
1 75 VAL n 
1 76 LYS n 
1 77 LEU n 
1 78 ALA n 
1 79 ALA n 
1 80 GLY n 
1 81 SER n 
1 82 ASN n 
1 83 THR n 
1 84 GLN n 
1 85 THR n 
1 86 VAL n 
1 87 LEU n 
# 
_pdbx_entity_src_syn.entity_id              1 
_pdbx_entity_src_syn.pdbx_src_id            1 
_pdbx_entity_src_syn.pdbx_alt_source_flag   sample 
_pdbx_entity_src_syn.pdbx_beg_seq_num       1 
_pdbx_entity_src_syn.pdbx_end_seq_num       87 
_pdbx_entity_src_syn.organism_scientific    'synthetic construct' 
_pdbx_entity_src_syn.organism_common_name   ? 
_pdbx_entity_src_syn.ncbi_taxonomy_id       32630 
_pdbx_entity_src_syn.details                ? 
# 
loop_
_chem_comp.id 
_chem_comp.type 
_chem_comp.mon_nstd_flag 
_chem_comp.name 
_chem_comp.pdbx_synonyms 
_chem_comp.formula 
_chem_comp.formula_weight 
ALA 'L-peptide linking' y ALANINE         ? 'C3 H7 N O2'     89.093  
ARG 'L-peptide linking' y ARGININE        ? 'C6 H15 N4 O2 1' 175.209 
ASN 'L-peptide linking' y ASPARAGINE      ? 'C4 H8 N2 O3'    132.118 
ASP 'L-peptide linking' y 'ASPARTIC ACID' ? 'C4 H7 N O4'     133.103 
CD  non-polymer         . 'CADMIUM ION'   ? 'Cd 2'           112.411 
CL  non-polymer         . 'CHLORIDE ION'  ? 'Cl -1'          35.453  
GLN 'L-peptide linking' y GLUTAMINE       ? 'C5 H10 N2 O3'   146.144 
GLY 'peptide linking'   y GLYCINE         ? 'C2 H5 N O2'     75.067  
HIS 'L-peptide linking' y HISTIDINE       ? 'C6 H10 N3 O2 1' 156.162 
HOH non-polymer         . WATER           ? 'H2 O'           18.015  
LEU 'L-peptide linking' y LEUCINE         ? 'C6 H13 N O2'    131.173 
LYS 'L-peptide linking' y LYSINE          ? 'C6 H15 N2 O2 1' 147.195 
MET 'L-peptide linking' y METHIONINE      ? 'C5 H11 N O2 S'  149.211 
PHE 'L-peptide linking' y PHENYLALANINE   ? 'C9 H11 N O2'    165.189 
PRO 'L-peptide linking' y PROLINE         ? 'C5 H9 N O2'     115.130 
SER 'L-peptide linking' y SERINE          ? 'C3 H7 N O3'     105.093 
THR 'L-peptide linking' y THREONINE       ? 'C4 H9 N O3'     119.119 
TYR 'L-peptide linking' y TYROSINE        ? 'C9 H11 N O3'    181.189 
VAL 'L-peptide linking' y VALINE          ? 'C5 H11 N O2'    117.146 
# 
loop_
_pdbx_poly_seq_scheme.asym_id 
_pdbx_poly_seq_scheme.entity_id 
_pdbx_poly_seq_scheme.seq_id 
_pdbx_poly_seq_scheme.mon_id 
_pdbx_poly_seq_scheme.ndb_seq_num 
_pdbx_poly_seq_scheme.pdb_seq_num 
_pdbx_poly_seq_scheme.auth_seq_num 
_pdbx_poly_seq_scheme.pdb_mon_id 
_pdbx_poly_seq_scheme.auth_mon_id 
_pdbx_poly_seq_scheme.pdb_strand_id 
_pdbx_poly_seq_scheme.pdb_ins_code 
_pdbx_poly_seq_scheme.hetero 
A 1 1  GLY 1  5  ?  ?   ?   A . n 
A 1 2  SER 2  6  ?  ?   ?   A . n 
A 1 3  HIS 3  7  ?  ?   ?   A . n 
A 1 4  MET 4  8  8  MET MET A . n 
A 1 5  PHE 5  9  9  PHE PHE A . n 
A 1 6  THR 6  10 10 THR THR A . n 
A 1 7  GLY 7  11 11 GLY GLY A . n 
A 1 8  LEU 8  12 12 LEU LEU A . n 
A 1 9  ASN 9  13 13 ASN ASN A . n 
A 1 10 THR 10 14 14 THR THR A . n 
A 1 11 PRO 11 15 15 PRO PRO A . n 
A 1 12 SER 12 16 16 SER SER A . n 
A 1 13 GLY 13 17 17 GLY GLY A . n 
A 1 14 VAL 14 18 18 VAL VAL A . n 
A 1 15 ALA 15 19 19 ALA ALA A . n 
A 1 16 VAL 16 20 20 VAL VAL A . n 
A 1 17 ASP 17 21 21 ASP ASP A . n 
A 1 18 SER 18 22 22 SER SER A . n 
A 1 19 ALA 19 23 23 ALA ALA A . n 
A 1 20 GLY 20 24 24 GLY GLY A . n 
A 1 21 THR 21 25 25 THR THR A . n 
A 1 22 VAL 22 26 26 VAL VAL A . n 
A 1 23 TYR 23 27 27 TYR TYR A . n 
A 1 24 VAL 24 28 28 VAL VAL A . n 
A 1 25 THR 25 29 29 THR THR A . n 
A 1 26 ASP 26 30 30 ASP ASP A . n 
A 1 27 HIS 27 31 31 HIS HIS A . n 
A 1 28 GLY 28 32 32 GLY GLY A . n 
A 1 29 ASN 29 33 33 ASN ASN A . n 
A 1 30 ASN 30 34 34 ASN ASN A . n 
A 1 31 ARG 31 35 35 ARG ARG A . n 
A 1 32 VAL 32 36 36 VAL VAL A . n 
A 1 33 VAL 33 37 37 VAL VAL A . n 
A 1 34 LYS 34 38 38 LYS LYS A . n 
A 1 35 LEU 35 39 39 LEU LEU A . n 
A 1 36 ALA 36 40 40 ALA ALA A . n 
A 1 37 ALA 37 41 41 ALA ALA A . n 
A 1 38 GLY 38 42 42 GLY GLY A . n 
A 1 39 SER 39 43 43 SER SER A . n 
A 1 40 ASN 40 44 44 ASN ASN A . n 
A 1 41 THR 41 45 45 THR THR A . n 
A 1 42 GLN 42 46 46 GLN GLN A . n 
A 1 43 THR 43 47 47 THR THR A . n 
A 1 44 VAL 44 48 48 VAL VAL A . n 
A 1 45 LEU 45 49 49 LEU LEU A . n 
A 1 46 PRO 46 50 50 PRO PRO A . n 
A 1 47 PHE 47 51 51 PHE PHE A . n 
A 1 48 THR 48 52 52 THR THR A . n 
A 1 49 GLY 49 53 53 GLY GLY A . n 
A 1 50 LEU 50 54 54 LEU LEU A . n 
A 1 51 ASN 51 55 55 ASN ASN A . n 
A 1 52 THR 52 56 56 THR THR A . n 
A 1 53 PRO 53 57 57 PRO PRO A . n 
A 1 54 SER 54 58 58 SER SER A . n 
A 1 55 GLY 55 59 59 GLY GLY A . n 
A 1 56 VAL 56 60 60 VAL VAL A . n 
A 1 57 ALA 57 61 61 ALA ALA A . n 
A 1 58 VAL 58 62 62 VAL VAL A . n 
A 1 59 ASP 59 63 63 ASP ASP A . n 
A 1 60 SER 60 64 64 SER SER A . n 
A 1 61 ALA 61 65 65 ALA ALA A . n 
A 1 62 GLY 62 66 66 GLY GLY A . n 
A 1 63 THR 63 67 67 THR THR A . n 
A 1 64 VAL 64 68 68 VAL VAL A . n 
A 1 65 TYR 65 69 69 TYR TYR A . n 
A 1 66 VAL 66 70 70 VAL VAL A . n 
A 1 67 THR 67 71 71 THR THR A . n 
A 1 68 ASP 68 72 72 ASP ASP A . n 
A 1 69 HIS 69 73 73 HIS HIS A . n 
A 1 70 GLY 70 74 74 GLY GLY A . n 
A 1 71 ASN 71 75 75 ASN ASN A . n 
A 1 72 ASN 72 76 76 ASN ASN A . n 
A 1 73 ARG 73 77 77 ARG ARG A . n 
A 1 74 VAL 74 78 78 VAL VAL A . n 
A 1 75 VAL 75 79 79 VAL VAL A . n 
A 1 76 LYS 76 80 80 LYS LYS A . n 
A 1 77 LEU 77 81 81 LEU LEU A . n 
A 1 78 ALA 78 82 82 ALA ALA A . n 
A 1 79 ALA 79 83 83 ALA ALA A . n 
A 1 80 GLY 80 84 84 GLY GLY A . n 
A 1 81 SER 81 85 85 SER SER A . n 
A 1 82 ASN 82 86 86 ASN ASN A . n 
A 1 83 THR 83 87 87 THR THR A . n 
A 1 84 GLN 84 88 88 GLN GLN A . n 
A 1 85 THR 85 89 89 THR THR A . n 
A 1 86 VAL 86 90 90 VAL VAL A . n 
A 1 87 LEU 87 91 91 LEU LEU A . n 
# 
loop_
_pdbx_nonpoly_scheme.asym_id 
_pdbx_nonpoly_scheme.entity_id 
_pdbx_nonpoly_scheme.mon_id 
_pdbx_nonpoly_scheme.ndb_seq_num 
_pdbx_nonpoly_scheme.pdb_seq_num 
_pdbx_nonpoly_scheme.auth_seq_num 
_pdbx_nonpoly_scheme.pdb_mon_id 
_pdbx_nonpoly_scheme.auth_mon_id 
_pdbx_nonpoly_scheme.pdb_strand_id 
_pdbx_nonpoly_scheme.pdb_ins_code 
B 2 CD  1  101 1  CD  CD  A . 
C 3 CL  1  102 1  CL  CL  A . 
D 3 CL  1  103 2  CL  CL  A . 
E 4 HOH 1  201 37 HOH HOH A . 
E 4 HOH 2  202 4  HOH HOH A . 
E 4 HOH 3  203 45 HOH HOH A . 
E 4 HOH 4  204 17 HOH HOH A . 
E 4 HOH 5  205 32 HOH HOH A . 
E 4 HOH 6  206 6  HOH HOH A . 
E 4 HOH 7  207 1  HOH HOH A . 
E 4 HOH 8  208 26 HOH HOH A . 
E 4 HOH 9  209 12 HOH HOH A . 
E 4 HOH 10 210 39 HOH HOH A . 
E 4 HOH 11 211 9  HOH HOH A . 
E 4 HOH 12 212 35 HOH HOH A . 
E 4 HOH 13 213 3  HOH HOH A . 
E 4 HOH 14 214 23 HOH HOH A . 
E 4 HOH 15 215 13 HOH HOH A . 
E 4 HOH 16 216 38 HOH HOH A . 
E 4 HOH 17 217 41 HOH HOH A . 
E 4 HOH 18 218 24 HOH HOH A . 
E 4 HOH 19 219 28 HOH HOH A . 
E 4 HOH 20 220 25 HOH HOH A . 
E 4 HOH 21 221 16 HOH HOH A . 
E 4 HOH 22 222 36 HOH HOH A . 
E 4 HOH 23 223 43 HOH HOH A . 
E 4 HOH 24 224 21 HOH HOH A . 
E 4 HOH 25 225 15 HOH HOH A . 
E 4 HOH 26 226 22 HOH HOH A . 
E 4 HOH 27 227 8  HOH HOH A . 
E 4 HOH 28 228 19 HOH HOH A . 
E 4 HOH 29 229 30 HOH HOH A . 
E 4 HOH 30 230 44 HOH HOH A . 
E 4 HOH 31 231 29 HOH HOH A . 
E 4 HOH 32 232 10 HOH HOH A . 
E 4 HOH 33 233 48 HOH HOH A . 
E 4 HOH 34 234 40 HOH HOH A . 
E 4 HOH 35 235 7  HOH HOH A . 
E 4 HOH 36 236 20 HOH HOH A . 
E 4 HOH 37 237 11 HOH HOH A . 
E 4 HOH 38 238 14 HOH HOH A . 
E 4 HOH 39 239 34 HOH HOH A . 
E 4 HOH 40 240 27 HOH HOH A . 
E 4 HOH 41 241 46 HOH HOH A . 
E 4 HOH 42 242 1  HOH HOH A . 
E 4 HOH 43 243 31 HOH HOH A . 
E 4 HOH 44 244 2  HOH HOH A . 
E 4 HOH 45 245 1  HOH HOH A . 
E 4 HOH 46 246 18 HOH HOH A . 
E 4 HOH 47 247 49 HOH HOH A . 
E 4 HOH 48 248 2  HOH HOH A . 
E 4 HOH 49 249 42 HOH HOH A . 
E 4 HOH 50 250 33 HOH HOH A . 
# 
loop_
_software.citation_id 
_software.classification 
_software.compiler_name 
_software.compiler_version 
_software.contact_author 
_software.contact_author_email 
_software.date 
_software.description 
_software.dependencies 
_software.hardware 
_software.language 
_software.location 
_software.mods 
_software.name 
_software.os 
_software.os_version 
_software.type 
_software.version 
_software.pdbx_ordinal 
? refinement       ? ? ? ? ? ? ? ? ? ? ? REFMAC    ? ? ? 5.8.0123 1 
? 'data reduction' ? ? ? ? ? ? ? ? ? ? ? HKL-2000  ? ? ? .        2 
? 'data scaling'   ? ? ? ? ? ? ? ? ? ? ? SCALEPACK ? ? ? .        3 
? phasing          ? ? ? ? ? ? ? ? ? ? ? MOLREP    ? ? ? .        4 
# 
_cell.angle_alpha                  90.00 
_cell.angle_alpha_esd              ? 
_cell.angle_beta                   90.00 
_cell.angle_beta_esd               ? 
_cell.angle_gamma                  90.00 
_cell.angle_gamma_esd              ? 
_cell.entry_id                     5F53 
_cell.details                      ? 
_cell.formula_units_Z              ? 
_cell.length_a                     110.320 
_cell.length_a_esd                 ? 
_cell.length_b                     110.320 
_cell.length_b_esd                 ? 
_cell.length_c                     110.320 
_cell.length_c_esd                 ? 
_cell.volume                       ? 
_cell.volume_esd                   ? 
_cell.Z_PDB                        48 
_cell.reciprocal_angle_alpha       ? 
_cell.reciprocal_angle_beta        ? 
_cell.reciprocal_angle_gamma       ? 
_cell.reciprocal_angle_alpha_esd   ? 
_cell.reciprocal_angle_beta_esd    ? 
_cell.reciprocal_angle_gamma_esd   ? 
_cell.reciprocal_length_a          ? 
_cell.reciprocal_length_b          ? 
_cell.reciprocal_length_c          ? 
_cell.reciprocal_length_a_esd      ? 
_cell.reciprocal_length_b_esd      ? 
_cell.reciprocal_length_c_esd      ? 
_cell.pdbx_unique_axis             ? 
# 
_symmetry.entry_id                         5F53 
_symmetry.cell_setting                     ? 
_symmetry.Int_Tables_number                214 
_symmetry.space_group_name_Hall            ? 
_symmetry.space_group_name_H-M             'I 41 3 2' 
_symmetry.pdbx_full_space_group_name_H-M   ? 
# 
_exptl.absorpt_coefficient_mu     ? 
_exptl.absorpt_correction_T_max   ? 
_exptl.absorpt_correction_T_min   ? 
_exptl.absorpt_correction_type    ? 
_exptl.absorpt_process_details    ? 
_exptl.entry_id                   5F53 
_exptl.crystals_number            ? 
_exptl.details                    ? 
_exptl.method                     'X-RAY DIFFRACTION' 
_exptl.method_details             ? 
# 
_exptl_crystal.colour                      ? 
_exptl_crystal.density_diffrn              ? 
_exptl_crystal.density_Matthews            3.19 
_exptl_crystal.density_method              ? 
_exptl_crystal.density_percent_sol         61.46 
_exptl_crystal.description                 ? 
_exptl_crystal.F_000                       ? 
_exptl_crystal.id                          1 
_exptl_crystal.preparation                 ? 
_exptl_crystal.size_max                    ? 
_exptl_crystal.size_mid                    ? 
_exptl_crystal.size_min                    ? 
_exptl_crystal.size_rad                    ? 
_exptl_crystal.colour_lustre               ? 
_exptl_crystal.colour_modifier             ? 
_exptl_crystal.colour_primary              ? 
_exptl_crystal.density_meas                ? 
_exptl_crystal.density_meas_esd            ? 
_exptl_crystal.density_meas_gt             ? 
_exptl_crystal.density_meas_lt             ? 
_exptl_crystal.density_meas_temp           ? 
_exptl_crystal.density_meas_temp_esd       ? 
_exptl_crystal.density_meas_temp_gt        ? 
_exptl_crystal.density_meas_temp_lt        ? 
_exptl_crystal.pdbx_crystal_image_url      ? 
_exptl_crystal.pdbx_crystal_image_format   ? 
_exptl_crystal.pdbx_mosaicity              ? 
_exptl_crystal.pdbx_mosaicity_esd          ? 
# 
_exptl_crystal_grow.apparatus       ? 
_exptl_crystal_grow.atmosphere      ? 
_exptl_crystal_grow.crystal_id      1 
_exptl_crystal_grow.details         ? 
_exptl_crystal_grow.method          'VAPOR DIFFUSION, HANGING DROP' 
_exptl_crystal_grow.method_ref      ? 
_exptl_crystal_grow.pH              7.5 
_exptl_crystal_grow.pressure        ? 
_exptl_crystal_grow.pressure_esd    ? 
_exptl_crystal_grow.seeding         ? 
_exptl_crystal_grow.seeding_ref     ? 
_exptl_crystal_grow.temp            293 
_exptl_crystal_grow.temp_details    ? 
_exptl_crystal_grow.temp_esd        ? 
_exptl_crystal_grow.time            ? 
_exptl_crystal_grow.pdbx_details    '0.18 M magnesium chloride, 90 mM HEPES, 27% PEG 400, 10% glycerol, 30 mM cadmium chloride' 
_exptl_crystal_grow.pdbx_pH_range   ? 
# 
_diffrn.ambient_environment    ? 
_diffrn.ambient_temp           100 
_diffrn.ambient_temp_details   ? 
_diffrn.ambient_temp_esd       ? 
_diffrn.crystal_id             1 
_diffrn.crystal_support        ? 
_diffrn.crystal_treatment      ? 
_diffrn.details                ? 
_diffrn.id                     1 
_diffrn.ambient_pressure       ? 
_diffrn.ambient_pressure_esd   ? 
_diffrn.ambient_pressure_gt    ? 
_diffrn.ambient_pressure_lt    ? 
_diffrn.ambient_temp_gt        ? 
_diffrn.ambient_temp_lt        ? 
# 
_diffrn_detector.details                      ? 
_diffrn_detector.detector                     CCD 
_diffrn_detector.diffrn_id                    1 
_diffrn_detector.type                         'RIGAKU SATURN A200' 
_diffrn_detector.area_resol_mean              ? 
_diffrn_detector.dtime                        ? 
_diffrn_detector.pdbx_frames_total            ? 
_diffrn_detector.pdbx_collection_time_total   ? 
_diffrn_detector.pdbx_collection_date         2015-05-14 
# 
_diffrn_radiation.collimation                      ? 
_diffrn_radiation.diffrn_id                        1 
_diffrn_radiation.filter_edge                      ? 
_diffrn_radiation.inhomogeneity                    ? 
_diffrn_radiation.monochromator                    ? 
_diffrn_radiation.polarisn_norm                    ? 
_diffrn_radiation.polarisn_ratio                   ? 
_diffrn_radiation.probe                            ? 
_diffrn_radiation.type                             ? 
_diffrn_radiation.xray_symbol                      ? 
_diffrn_radiation.wavelength_id                    1 
_diffrn_radiation.pdbx_monochromatic_or_laue_m_l   M 
_diffrn_radiation.pdbx_wavelength_list             ? 
_diffrn_radiation.pdbx_wavelength                  ? 
_diffrn_radiation.pdbx_diffrn_protocol             'SINGLE WAVELENGTH' 
_diffrn_radiation.pdbx_analyzer                    ? 
_diffrn_radiation.pdbx_scattering_type             x-ray 
# 
_diffrn_radiation_wavelength.id           1 
_diffrn_radiation_wavelength.wavelength   1.0 
_diffrn_radiation_wavelength.wt           1.0 
# 
_diffrn_source.current                     ? 
_diffrn_source.details                     ? 
_diffrn_source.diffrn_id                   1 
_diffrn_source.power                       ? 
_diffrn_source.size                        ? 
_diffrn_source.source                      SYNCHROTRON 
_diffrn_source.target                      ? 
_diffrn_source.type                        'SPRING-8 BEAMLINE BL26B1' 
_diffrn_source.voltage                     ? 
_diffrn_source.take-off_angle              ? 
_diffrn_source.pdbx_wavelength_list        1.0 
_diffrn_source.pdbx_wavelength             ? 
_diffrn_source.pdbx_synchrotron_beamline   BL26B1 
_diffrn_source.pdbx_synchrotron_site       SPring-8 
# 
_reflns.B_iso_Wilson_estimate            ? 
_reflns.entry_id                         5F53 
_reflns.data_reduction_details           ? 
_reflns.data_reduction_method            ? 
_reflns.d_resolution_high                1.8 
_reflns.d_resolution_low                 45.0 
_reflns.details                          ? 
_reflns.limit_h_max                      ? 
_reflns.limit_h_min                      ? 
_reflns.limit_k_max                      ? 
_reflns.limit_k_min                      ? 
_reflns.limit_l_max                      ? 
_reflns.limit_l_min                      ? 
_reflns.number_all                       ? 
_reflns.number_obs                       10953 
_reflns.observed_criterion               ? 
_reflns.observed_criterion_F_max         ? 
_reflns.observed_criterion_F_min         ? 
_reflns.observed_criterion_I_max         ? 
_reflns.observed_criterion_I_min         ? 
_reflns.observed_criterion_sigma_F       ? 
_reflns.observed_criterion_sigma_I       ? 
_reflns.percent_possible_obs             99.9 
_reflns.R_free_details                   ? 
_reflns.Rmerge_F_all                     ? 
_reflns.Rmerge_F_obs                     ? 
_reflns.Friedel_coverage                 ? 
_reflns.number_gt                        ? 
_reflns.threshold_expression             ? 
_reflns.pdbx_redundancy                  27.2 
_reflns.pdbx_Rmerge_I_obs                0.096 
_reflns.pdbx_Rmerge_I_all                ? 
_reflns.pdbx_Rsym_value                  ? 
_reflns.pdbx_netI_over_av_sigmaI         37.7 
_reflns.pdbx_netI_over_sigmaI            34.4 
_reflns.pdbx_res_netI_over_av_sigmaI_2   ? 
_reflns.pdbx_res_netI_over_sigmaI_2      ? 
_reflns.pdbx_chi_squared                 ? 
_reflns.pdbx_scaling_rejects             ? 
_reflns.pdbx_d_res_high_opt              ? 
_reflns.pdbx_d_res_low_opt               ? 
_reflns.pdbx_d_res_opt_method            ? 
_reflns.phase_calculation_details        ? 
_reflns.pdbx_Rrim_I_all                  ? 
_reflns.pdbx_Rpim_I_all                  ? 
_reflns.pdbx_d_opt                       ? 
_reflns.pdbx_number_measured_all         ? 
_reflns.pdbx_diffrn_id                   1 
_reflns.pdbx_ordinal                     1 
_reflns.pdbx_CC_half                     ? 
_reflns.pdbx_R_split                     ? 
# 
_reflns_shell.d_res_high                  1.80 
_reflns_shell.d_res_low                   1.83 
_reflns_shell.meanI_over_sigI_all         ? 
_reflns_shell.meanI_over_sigI_obs         3.1 
_reflns_shell.number_measured_all         ? 
_reflns_shell.number_measured_obs         ? 
_reflns_shell.number_possible             ? 
_reflns_shell.number_unique_all           ? 
_reflns_shell.number_unique_obs           ? 
_reflns_shell.percent_possible_all        99.6 
_reflns_shell.percent_possible_obs        ? 
_reflns_shell.Rmerge_F_all                ? 
_reflns_shell.Rmerge_F_obs                ? 
_reflns_shell.Rmerge_I_all                ? 
_reflns_shell.Rmerge_I_obs                0.485 
_reflns_shell.meanI_over_sigI_gt          ? 
_reflns_shell.meanI_over_uI_all           ? 
_reflns_shell.meanI_over_uI_gt            ? 
_reflns_shell.number_measured_gt          ? 
_reflns_shell.number_unique_gt            ? 
_reflns_shell.percent_possible_gt         ? 
_reflns_shell.Rmerge_F_gt                 ? 
_reflns_shell.Rmerge_I_gt                 ? 
_reflns_shell.pdbx_redundancy             7.3 
_reflns_shell.pdbx_Rsym_value             ? 
_reflns_shell.pdbx_chi_squared            ? 
_reflns_shell.pdbx_netI_over_sigmaI_all   ? 
_reflns_shell.pdbx_netI_over_sigmaI_obs   ? 
_reflns_shell.pdbx_Rrim_I_all             ? 
_reflns_shell.pdbx_Rpim_I_all             ? 
_reflns_shell.pdbx_rejects                ? 
_reflns_shell.pdbx_ordinal                1 
_reflns_shell.pdbx_diffrn_id              1 
_reflns_shell.pdbx_CC_half                ? 
_reflns_shell.pdbx_R_split                ? 
# 
_refine.aniso_B[1][1]                            0.00 
_refine.aniso_B[1][2]                            0.00 
_refine.aniso_B[1][3]                            0.00 
_refine.aniso_B[2][2]                            0.00 
_refine.aniso_B[2][3]                            0.00 
_refine.aniso_B[3][3]                            0.00 
_refine.B_iso_max                                ? 
_refine.B_iso_mean                               28.325 
_refine.B_iso_min                                ? 
_refine.correlation_coeff_Fo_to_Fc               0.958 
_refine.correlation_coeff_Fo_to_Fc_free          0.940 
_refine.details                                  'HYDROGENS HAVE BEEN ADDED IN THE RIDING POSITIONS' 
_refine.diff_density_max                         ? 
_refine.diff_density_max_esd                     ? 
_refine.diff_density_min                         ? 
_refine.diff_density_min_esd                     ? 
_refine.diff_density_rms                         ? 
_refine.diff_density_rms_esd                     ? 
_refine.entry_id                                 5F53 
_refine.pdbx_refine_id                           'X-RAY DIFFRACTION' 
_refine.ls_abs_structure_details                 ? 
_refine.ls_abs_structure_Flack                   ? 
_refine.ls_abs_structure_Flack_esd               ? 
_refine.ls_abs_structure_Rogers                  ? 
_refine.ls_abs_structure_Rogers_esd              ? 
_refine.ls_d_res_high                            1.80 
_refine.ls_d_res_low                             45.0 
_refine.ls_extinction_coef                       ? 
_refine.ls_extinction_coef_esd                   ? 
_refine.ls_extinction_expression                 ? 
_refine.ls_extinction_method                     ? 
_refine.ls_goodness_of_fit_all                   ? 
_refine.ls_goodness_of_fit_all_esd               ? 
_refine.ls_goodness_of_fit_obs                   ? 
_refine.ls_goodness_of_fit_obs_esd               ? 
_refine.ls_hydrogen_treatment                    ? 
_refine.ls_matrix_type                           ? 
_refine.ls_number_constraints                    ? 
_refine.ls_number_parameters                     ? 
_refine.ls_number_reflns_all                     ? 
_refine.ls_number_reflns_obs                     10415 
_refine.ls_number_reflns_R_free                  526 
_refine.ls_number_reflns_R_work                  ? 
_refine.ls_number_restraints                     ? 
_refine.ls_percent_reflns_obs                    99.95 
_refine.ls_percent_reflns_R_free                 4.8 
_refine.ls_R_factor_all                          ? 
_refine.ls_R_factor_obs                          0.18707 
_refine.ls_R_factor_R_free                       0.20965 
_refine.ls_R_factor_R_free_error                 ? 
_refine.ls_R_factor_R_free_error_details         ? 
_refine.ls_R_factor_R_work                       0.18589 
_refine.ls_R_Fsqd_factor_obs                     ? 
_refine.ls_R_I_factor_obs                        ? 
_refine.ls_redundancy_reflns_all                 ? 
_refine.ls_redundancy_reflns_obs                 ? 
_refine.ls_restrained_S_all                      ? 
_refine.ls_restrained_S_obs                      ? 
_refine.ls_shift_over_esd_max                    ? 
_refine.ls_shift_over_esd_mean                   ? 
_refine.ls_structure_factor_coef                 ? 
_refine.ls_weighting_details                     ? 
_refine.ls_weighting_scheme                      ? 
_refine.ls_wR_factor_all                         ? 
_refine.ls_wR_factor_obs                         ? 
_refine.ls_wR_factor_R_free                      ? 
_refine.ls_wR_factor_R_work                      ? 
_refine.occupancy_max                            ? 
_refine.occupancy_min                            ? 
_refine.solvent_model_details                    MASK 
_refine.solvent_model_param_bsol                 ? 
_refine.solvent_model_param_ksol                 ? 
_refine.ls_R_factor_gt                           ? 
_refine.ls_goodness_of_fit_gt                    ? 
_refine.ls_goodness_of_fit_ref                   ? 
_refine.ls_shift_over_su_max                     ? 
_refine.ls_shift_over_su_max_lt                  ? 
_refine.ls_shift_over_su_mean                    ? 
_refine.ls_shift_over_su_mean_lt                 ? 
_refine.pdbx_ls_sigma_I                          ? 
_refine.pdbx_ls_sigma_F                          ? 
_refine.pdbx_ls_sigma_Fsqd                       ? 
_refine.pdbx_data_cutoff_high_absF               ? 
_refine.pdbx_data_cutoff_high_rms_absF           ? 
_refine.pdbx_data_cutoff_low_absF                ? 
_refine.pdbx_isotropic_thermal_model             ? 
_refine.pdbx_ls_cross_valid_method               THROUGHOUT 
_refine.pdbx_method_to_determine_struct          'MOLECULAR REPLACEMENT' 
_refine.pdbx_starting_model                      ? 
_refine.pdbx_stereochemistry_target_values       'MAXIMUM LIKELIHOOD' 
_refine.pdbx_R_Free_selection_details            RANDOM 
_refine.pdbx_stereochem_target_val_spec_case     ? 
_refine.pdbx_overall_ESU_R                       0.098 
_refine.pdbx_overall_ESU_R_Free                  0.096 
_refine.pdbx_solvent_vdw_probe_radii             1.20 
_refine.pdbx_solvent_ion_probe_radii             0.80 
_refine.pdbx_solvent_shrinkage_radii             0.80 
_refine.pdbx_real_space_R                        ? 
_refine.pdbx_density_correlation                 ? 
_refine.pdbx_pd_number_of_powder_patterns        ? 
_refine.pdbx_pd_number_of_points                 ? 
_refine.pdbx_pd_meas_number_of_points            ? 
_refine.pdbx_pd_proc_ls_prof_R_factor            ? 
_refine.pdbx_pd_proc_ls_prof_wR_factor           ? 
_refine.pdbx_pd_Marquardt_correlation_coeff      ? 
_refine.pdbx_pd_Fsqrd_R_factor                   ? 
_refine.pdbx_pd_ls_matrix_band_width             ? 
_refine.pdbx_overall_phase_error                 ? 
_refine.pdbx_overall_SU_R_free_Cruickshank_DPI   ? 
_refine.pdbx_overall_SU_R_free_Blow_DPI          ? 
_refine.pdbx_overall_SU_R_Blow_DPI               ? 
_refine.pdbx_TLS_residual_ADP_flag               ? 
_refine.pdbx_diffrn_id                           1 
_refine.overall_SU_B                             2.574 
_refine.overall_SU_ML                            0.075 
_refine.overall_SU_R_Cruickshank_DPI             ? 
_refine.overall_SU_R_free                        ? 
_refine.overall_FOM_free_R_set                   ? 
_refine.overall_FOM_work_R_set                   ? 
_refine.pdbx_average_fsc_overall                 ? 
_refine.pdbx_average_fsc_work                    ? 
_refine.pdbx_average_fsc_free                    ? 
# 
_refine_hist.pdbx_refine_id                   'X-RAY DIFFRACTION' 
_refine_hist.cycle_id                         1 
_refine_hist.pdbx_number_atoms_protein        596 
_refine_hist.pdbx_number_atoms_nucleic_acid   0 
_refine_hist.pdbx_number_atoms_ligand         3 
_refine_hist.number_atoms_solvent             50 
_refine_hist.number_atoms_total               649 
_refine_hist.d_res_high                       1.80 
_refine_hist.d_res_low                        45.0 
# 
loop_
_refine_ls_restr.pdbx_refine_id 
_refine_ls_restr.criterion 
_refine_ls_restr.dev_ideal 
_refine_ls_restr.dev_ideal_target 
_refine_ls_restr.number 
_refine_ls_restr.rejects 
_refine_ls_restr.type 
_refine_ls_restr.weight 
_refine_ls_restr.pdbx_restraint_function 
'X-RAY DIFFRACTION' ? 0.021  0.019  606  ? r_bond_refined_d             ? ? 
'X-RAY DIFFRACTION' ? 0.003  0.020  572  ? r_bond_other_d               ? ? 
'X-RAY DIFFRACTION' ? 2.107  1.936  829  ? r_angle_refined_deg          ? ? 
'X-RAY DIFFRACTION' ? 1.131  3.000  1305 ? r_angle_other_deg            ? ? 
'X-RAY DIFFRACTION' ? 6.891  5.000  83   ? r_dihedral_angle_1_deg       ? ? 
'X-RAY DIFFRACTION' ? 30.282 25.455 22   ? r_dihedral_angle_2_deg       ? ? 
'X-RAY DIFFRACTION' ? 14.602 15.000 83   ? r_dihedral_angle_3_deg       ? ? 
'X-RAY DIFFRACTION' ? 19.082 15.000 2    ? r_dihedral_angle_4_deg       ? ? 
'X-RAY DIFFRACTION' ? 0.128  0.200  106  ? r_chiral_restr               ? ? 
'X-RAY DIFFRACTION' ? 0.011  0.021  716  ? r_gen_planes_refined         ? ? 
'X-RAY DIFFRACTION' ? 0.001  0.020  134  ? r_gen_planes_other           ? ? 
'X-RAY DIFFRACTION' ? ?      ?      ?    ? r_nbd_refined                ? ? 
'X-RAY DIFFRACTION' ? ?      ?      ?    ? r_nbd_other                  ? ? 
'X-RAY DIFFRACTION' ? ?      ?      ?    ? r_nbtor_refined              ? ? 
'X-RAY DIFFRACTION' ? ?      ?      ?    ? r_nbtor_other                ? ? 
'X-RAY DIFFRACTION' ? ?      ?      ?    ? r_xyhbond_nbd_refined        ? ? 
'X-RAY DIFFRACTION' ? ?      ?      ?    ? r_xyhbond_nbd_other          ? ? 
'X-RAY DIFFRACTION' ? ?      ?      ?    ? r_metal_ion_refined          ? ? 
'X-RAY DIFFRACTION' ? ?      ?      ?    ? r_metal_ion_other            ? ? 
'X-RAY DIFFRACTION' ? ?      ?      ?    ? r_symmetry_vdw_refined       ? ? 
'X-RAY DIFFRACTION' ? ?      ?      ?    ? r_symmetry_vdw_other         ? ? 
'X-RAY DIFFRACTION' ? ?      ?      ?    ? r_symmetry_hbond_refined     ? ? 
'X-RAY DIFFRACTION' ? ?      ?      ?    ? r_symmetry_hbond_other       ? ? 
'X-RAY DIFFRACTION' ? ?      ?      ?    ? r_symmetry_metal_ion_refined ? ? 
'X-RAY DIFFRACTION' ? ?      ?      ?    ? r_symmetry_metal_ion_other   ? ? 
'X-RAY DIFFRACTION' ? 3.264  2.712  335  ? r_mcbond_it                  ? ? 
'X-RAY DIFFRACTION' ? 3.254  2.709  334  ? r_mcbond_other               ? ? 
'X-RAY DIFFRACTION' ? 4.839  4.058  417  ? r_mcangle_it                 ? ? 
'X-RAY DIFFRACTION' ? 4.841  4.060  418  ? r_mcangle_other              ? ? 
'X-RAY DIFFRACTION' ? 4.028  2.863  270  ? r_scbond_it                  ? ? 
'X-RAY DIFFRACTION' ? 3.973  2.870  268  ? r_scbond_other               ? ? 
'X-RAY DIFFRACTION' ? ?      ?      ?    ? r_scangle_it                 ? ? 
'X-RAY DIFFRACTION' ? 5.857  4.205  410  ? r_scangle_other              ? ? 
'X-RAY DIFFRACTION' ? 7.487  21.817 654  ? r_long_range_B_refined       ? ? 
'X-RAY DIFFRACTION' ? 7.471  21.735 647  ? r_long_range_B_other         ? ? 
'X-RAY DIFFRACTION' ? ?      ?      ?    ? r_rigid_bond_restr           ? ? 
'X-RAY DIFFRACTION' ? ?      ?      ?    ? r_sphericity_free            ? ? 
'X-RAY DIFFRACTION' ? ?      ?      ?    ? r_sphericity_bonded          ? ? 
# 
_refine_ls_shell.pdbx_refine_id                   'X-RAY DIFFRACTION' 
_refine_ls_shell.d_res_high                       1.800 
_refine_ls_shell.d_res_low                        1.847 
_refine_ls_shell.number_reflns_all                ? 
_refine_ls_shell.number_reflns_obs                ? 
_refine_ls_shell.number_reflns_R_free             41 
_refine_ls_shell.number_reflns_R_work             738 
_refine_ls_shell.percent_reflns_obs               99.74 
_refine_ls_shell.percent_reflns_R_free            ? 
_refine_ls_shell.R_factor_all                     ? 
_refine_ls_shell.R_factor_obs                     ? 
_refine_ls_shell.R_factor_R_free                  0.305 
_refine_ls_shell.R_factor_R_free_error            ? 
_refine_ls_shell.R_factor_R_work                  0.360 
_refine_ls_shell.redundancy_reflns_all            ? 
_refine_ls_shell.redundancy_reflns_obs            ? 
_refine_ls_shell.wR_factor_all                    ? 
_refine_ls_shell.wR_factor_obs                    ? 
_refine_ls_shell.wR_factor_R_free                 ? 
_refine_ls_shell.wR_factor_R_work                 ? 
_refine_ls_shell.pdbx_total_number_of_bins_used   20 
_refine_ls_shell.pdbx_phase_error                 ? 
_refine_ls_shell.pdbx_fsc_work                    ? 
_refine_ls_shell.pdbx_fsc_free                    ? 
# 
_struct.entry_id                     5F53 
_struct.title                        'Nano-ring of cadmium ions coordinated by nvPizza2-S16S58' 
_struct.pdbx_model_details           ? 
_struct.pdbx_formula_weight          ? 
_struct.pdbx_formula_weight_method   ? 
_struct.pdbx_model_type_details      ? 
_struct.pdbx_CASP_flag               ? 
# 
_struct_keywords.entry_id        5F53 
_struct_keywords.text            'Computational Protein design, metal coordination complex, self-assembly, DE NOVO PROTEIN' 
_struct_keywords.pdbx_keywords   'DE NOVO PROTEIN' 
# 
loop_
_struct_asym.id 
_struct_asym.pdbx_blank_PDB_chainid_flag 
_struct_asym.pdbx_modified 
_struct_asym.entity_id 
_struct_asym.details 
A N N 1 ? 
B N N 2 ? 
C N N 3 ? 
D N N 3 ? 
E N N 4 ? 
# 
_struct_ref.id                         1 
_struct_ref.db_name                    PDB 
_struct_ref.db_code                    5F53 
_struct_ref.pdbx_db_accession          5F53 
_struct_ref.pdbx_db_isoform            ? 
_struct_ref.entity_id                  1 
_struct_ref.pdbx_seq_one_letter_code   ? 
_struct_ref.pdbx_align_begin           1 
# 
_struct_ref_seq.align_id                      1 
_struct_ref_seq.ref_id                        1 
_struct_ref_seq.pdbx_PDB_id_code              5F53 
_struct_ref_seq.pdbx_strand_id                A 
_struct_ref_seq.seq_align_beg                 1 
_struct_ref_seq.pdbx_seq_align_beg_ins_code   ? 
_struct_ref_seq.seq_align_end                 87 
_struct_ref_seq.pdbx_seq_align_end_ins_code   ? 
_struct_ref_seq.pdbx_db_accession             5F53 
_struct_ref_seq.db_align_beg                  5 
_struct_ref_seq.pdbx_db_align_beg_ins_code    ? 
_struct_ref_seq.db_align_end                  91 
_struct_ref_seq.pdbx_db_align_end_ins_code    ? 
_struct_ref_seq.pdbx_auth_seq_align_beg       5 
_struct_ref_seq.pdbx_auth_seq_align_end       91 
# 
_pdbx_struct_assembly.id                   1 
_pdbx_struct_assembly.details              author_and_software_defined_assembly 
_pdbx_struct_assembly.method_details       PISA 
_pdbx_struct_assembly.oligomeric_details   trimeric 
_pdbx_struct_assembly.oligomeric_count     3 
# 
loop_
_pdbx_struct_assembly_prop.biol_id 
_pdbx_struct_assembly_prop.type 
_pdbx_struct_assembly_prop.value 
_pdbx_struct_assembly_prop.details 
1 'ABSA (A^2)' 3300  ? 
1 MORE         -30   ? 
1 'SSA (A^2)'  10350 ? 
# 
_pdbx_struct_assembly_gen.assembly_id       1 
_pdbx_struct_assembly_gen.oper_expression   1,2,3 
_pdbx_struct_assembly_gen.asym_id_list      A,B,C,D,E 
# 
loop_
_pdbx_struct_oper_list.id 
_pdbx_struct_oper_list.type 
_pdbx_struct_oper_list.name 
_pdbx_struct_oper_list.symmetry_operation 
_pdbx_struct_oper_list.matrix[1][1] 
_pdbx_struct_oper_list.matrix[1][2] 
_pdbx_struct_oper_list.matrix[1][3] 
_pdbx_struct_oper_list.vector[1] 
_pdbx_struct_oper_list.matrix[2][1] 
_pdbx_struct_oper_list.matrix[2][2] 
_pdbx_struct_oper_list.matrix[2][3] 
_pdbx_struct_oper_list.vector[2] 
_pdbx_struct_oper_list.matrix[3][1] 
_pdbx_struct_oper_list.matrix[3][2] 
_pdbx_struct_oper_list.matrix[3][3] 
_pdbx_struct_oper_list.vector[3] 
1 'identity operation'         1_555 x,y,z 1.0000000000  0.0000000000  0.0000000000  0.0000000000   0.0000000000  1.0000000000 0.0000000000  0.0000000000   0.0000000000  0.0000000000  1.0000000000  0.0000000000  
2 'crystal symmetry operation' 5_555 z,x,y -0.2788538342 0.0751565584  0.9573881297  -12.7783716618 -0.9119777627 0.2916367502 -0.2885213444 -12.8440595546 -0.3008938341 -0.9535719677 -0.0127829160 -7.7630614973 
3 'crystal symmetry operation' 9_555 y,z,x -0.2788538342 -0.9119777627 -0.3008938341 -17.6126519683 0.0751565584  0.2916367502 -0.9535719677 -2.6964596034  0.9573881297  -0.2885213444 -0.0127829160 8.4288414523 
# 
loop_
_struct_conf.conf_type_id 
_struct_conf.id 
_struct_conf.pdbx_PDB_helix_id 
_struct_conf.beg_label_comp_id 
_struct_conf.beg_label_asym_id 
_struct_conf.beg_label_seq_id 
_struct_conf.pdbx_beg_PDB_ins_code 
_struct_conf.end_label_comp_id 
_struct_conf.end_label_asym_id 
_struct_conf.end_label_seq_id 
_struct_conf.pdbx_end_PDB_ins_code 
_struct_conf.beg_auth_comp_id 
_struct_conf.beg_auth_asym_id 
_struct_conf.beg_auth_seq_id 
_struct_conf.end_auth_comp_id 
_struct_conf.end_auth_asym_id 
_struct_conf.end_auth_seq_id 
_struct_conf.pdbx_PDB_helix_class 
_struct_conf.details 
_struct_conf.pdbx_PDB_helix_length 
HELX_P HELX_P1 AA1 HIS A 27 ? ASN A 30 ? HIS A 31 ASN A 34 5 ? 4 
HELX_P HELX_P2 AA2 HIS A 69 ? ASN A 72 ? HIS A 73 ASN A 76 5 ? 4 
# 
_struct_conf_type.id          HELX_P 
_struct_conf_type.criteria    ? 
_struct_conf_type.reference   ? 
# 
loop_
_struct_conn.id 
_struct_conn.conn_type_id 
_struct_conn.pdbx_leaving_atom_flag 
_struct_conn.pdbx_PDB_id 
_struct_conn.ptnr1_label_asym_id 
_struct_conn.ptnr1_label_comp_id 
_struct_conn.ptnr1_label_seq_id 
_struct_conn.ptnr1_label_atom_id 
_struct_conn.pdbx_ptnr1_label_alt_id 
_struct_conn.pdbx_ptnr1_PDB_ins_code 
_struct_conn.pdbx_ptnr1_standard_comp_id 
_struct_conn.ptnr1_symmetry 
_struct_conn.ptnr2_label_asym_id 
_struct_conn.ptnr2_label_comp_id 
_struct_conn.ptnr2_label_seq_id 
_struct_conn.ptnr2_label_atom_id 
_struct_conn.pdbx_ptnr2_label_alt_id 
_struct_conn.pdbx_ptnr2_PDB_ins_code 
_struct_conn.ptnr1_auth_asym_id 
_struct_conn.ptnr1_auth_comp_id 
_struct_conn.ptnr1_auth_seq_id 
_struct_conn.ptnr2_auth_asym_id 
_struct_conn.ptnr2_auth_comp_id 
_struct_conn.ptnr2_auth_seq_id 
_struct_conn.ptnr2_symmetry 
_struct_conn.pdbx_ptnr3_label_atom_id 
_struct_conn.pdbx_ptnr3_label_seq_id 
_struct_conn.pdbx_ptnr3_label_comp_id 
_struct_conn.pdbx_ptnr3_label_asym_id 
_struct_conn.pdbx_ptnr3_label_alt_id 
_struct_conn.pdbx_ptnr3_PDB_ins_code 
_struct_conn.details 
_struct_conn.pdbx_dist_value 
_struct_conn.pdbx_value_order 
_struct_conn.pdbx_role 
metalc1 metalc ? ? A HIS 27 NE2 ? ? ? 1_555 B CD  . CD ? ? A HIS 31  A CD  101 1_555  ? ? ? ? ? ? ? 2.348 ? ? 
metalc2 metalc ? ? A HIS 69 NE2 ? ? ? 1_555 B CD  . CD ? ? A HIS 73  A CD  101 24_444 ? ? ? ? ? ? ? 2.326 ? ? 
metalc3 metalc ? ? B CD  .  CD  ? ? ? 1_555 E HOH . O  ? ? A CD  101 A HOH 242 24_444 ? ? ? ? ? ? ? 2.449 ? ? 
metalc4 metalc ? ? B CD  .  CD  ? ? ? 1_555 E HOH . O  ? ? A CD  101 A HOH 244 1_555  ? ? ? ? ? ? ? 2.351 ? ? 
# 
_struct_conn_type.id          metalc 
_struct_conn_type.criteria    ? 
_struct_conn_type.reference   ? 
# 
loop_
_pdbx_struct_conn_angle.id 
_pdbx_struct_conn_angle.ptnr1_label_atom_id 
_pdbx_struct_conn_angle.ptnr1_label_alt_id 
_pdbx_struct_conn_angle.ptnr1_label_asym_id 
_pdbx_struct_conn_angle.ptnr1_label_comp_id 
_pdbx_struct_conn_angle.ptnr1_label_seq_id 
_pdbx_struct_conn_angle.ptnr1_auth_atom_id 
_pdbx_struct_conn_angle.ptnr1_auth_asym_id 
_pdbx_struct_conn_angle.ptnr1_auth_comp_id 
_pdbx_struct_conn_angle.ptnr1_auth_seq_id 
_pdbx_struct_conn_angle.ptnr1_PDB_ins_code 
_pdbx_struct_conn_angle.ptnr1_symmetry 
_pdbx_struct_conn_angle.ptnr2_label_atom_id 
_pdbx_struct_conn_angle.ptnr2_label_alt_id 
_pdbx_struct_conn_angle.ptnr2_label_asym_id 
_pdbx_struct_conn_angle.ptnr2_label_comp_id 
_pdbx_struct_conn_angle.ptnr2_label_seq_id 
_pdbx_struct_conn_angle.ptnr2_auth_atom_id 
_pdbx_struct_conn_angle.ptnr2_auth_asym_id 
_pdbx_struct_conn_angle.ptnr2_auth_comp_id 
_pdbx_struct_conn_angle.ptnr2_auth_seq_id 
_pdbx_struct_conn_angle.ptnr2_PDB_ins_code 
_pdbx_struct_conn_angle.ptnr2_symmetry 
_pdbx_struct_conn_angle.ptnr3_label_atom_id 
_pdbx_struct_conn_angle.ptnr3_label_alt_id 
_pdbx_struct_conn_angle.ptnr3_label_asym_id 
_pdbx_struct_conn_angle.ptnr3_label_comp_id 
_pdbx_struct_conn_angle.ptnr3_label_seq_id 
_pdbx_struct_conn_angle.ptnr3_auth_atom_id 
_pdbx_struct_conn_angle.ptnr3_auth_asym_id 
_pdbx_struct_conn_angle.ptnr3_auth_comp_id 
_pdbx_struct_conn_angle.ptnr3_auth_seq_id 
_pdbx_struct_conn_angle.ptnr3_PDB_ins_code 
_pdbx_struct_conn_angle.ptnr3_symmetry 
_pdbx_struct_conn_angle.value 
_pdbx_struct_conn_angle.value_esd 
1 NE2 ? A HIS 27 ? A HIS 31  ? 1_555  CD ? B CD . ? A CD 101 ? 1_555 NE2 ? A HIS 69 ? A HIS 73  ? 1_555  80.0  ? 
2 NE2 ? A HIS 27 ? A HIS 31  ? 1_555  CD ? B CD . ? A CD 101 ? 1_555 O   ? E HOH .  ? A HOH 242 ? 24_444 156.7 ? 
3 NE2 ? A HIS 69 ? A HIS 73  ? 1_555  CD ? B CD . ? A CD 101 ? 1_555 O   ? E HOH .  ? A HOH 242 ? 24_444 87.5  ? 
4 NE2 ? A HIS 27 ? A HIS 31  ? 1_555  CD ? B CD . ? A CD 101 ? 1_555 O   ? E HOH .  ? A HOH 244 ? 1_555  88.8  ? 
5 NE2 ? A HIS 69 ? A HIS 73  ? 1_555  CD ? B CD . ? A CD 101 ? 1_555 O   ? E HOH .  ? A HOH 244 ? 1_555  62.2  ? 
6 O   ? E HOH .  ? A HOH 242 ? 24_444 CD ? B CD . ? A CD 101 ? 1_555 O   ? E HOH .  ? A HOH 244 ? 1_555  68.0  ? 
# 
loop_
_struct_sheet.id 
_struct_sheet.type 
_struct_sheet.number_strands 
_struct_sheet.details 
AA1 ? 4 ? 
AA2 ? 4 ? 
# 
loop_
_struct_sheet_order.sheet_id 
_struct_sheet_order.range_id_1 
_struct_sheet_order.range_id_2 
_struct_sheet_order.offset 
_struct_sheet_order.sense 
AA1 1 2 ? anti-parallel 
AA1 2 3 ? anti-parallel 
AA1 3 4 ? anti-parallel 
AA2 1 2 ? anti-parallel 
AA2 2 3 ? anti-parallel 
AA2 3 4 ? anti-parallel 
# 
loop_
_struct_sheet_range.sheet_id 
_struct_sheet_range.id 
_struct_sheet_range.beg_label_comp_id 
_struct_sheet_range.beg_label_asym_id 
_struct_sheet_range.beg_label_seq_id 
_struct_sheet_range.pdbx_beg_PDB_ins_code 
_struct_sheet_range.end_label_comp_id 
_struct_sheet_range.end_label_asym_id 
_struct_sheet_range.end_label_seq_id 
_struct_sheet_range.pdbx_end_PDB_ins_code 
_struct_sheet_range.beg_auth_comp_id 
_struct_sheet_range.beg_auth_asym_id 
_struct_sheet_range.beg_auth_seq_id 
_struct_sheet_range.end_auth_comp_id 
_struct_sheet_range.end_auth_asym_id 
_struct_sheet_range.end_auth_seq_id 
AA1 1 VAL A 14 ? VAL A 16 ? VAL A 18 VAL A 20 
AA1 2 VAL A 22 ? ASP A 26 ? VAL A 26 ASP A 30 
AA1 3 ARG A 31 ? LEU A 35 ? ARG A 35 LEU A 39 
AA1 4 THR A 43 ? VAL A 44 ? THR A 47 VAL A 48 
AA2 1 ALA A 57 ? VAL A 58 ? ALA A 61 VAL A 62 
AA2 2 VAL A 64 ? ASP A 68 ? VAL A 68 ASP A 72 
AA2 3 ARG A 73 ? LEU A 77 ? ARG A 77 LEU A 81 
AA2 4 THR A 85 ? VAL A 86 ? THR A 89 VAL A 90 
# 
loop_
_pdbx_struct_sheet_hbond.sheet_id 
_pdbx_struct_sheet_hbond.range_id_1 
_pdbx_struct_sheet_hbond.range_id_2 
_pdbx_struct_sheet_hbond.range_1_label_atom_id 
_pdbx_struct_sheet_hbond.range_1_label_comp_id 
_pdbx_struct_sheet_hbond.range_1_label_asym_id 
_pdbx_struct_sheet_hbond.range_1_label_seq_id 
_pdbx_struct_sheet_hbond.range_1_PDB_ins_code 
_pdbx_struct_sheet_hbond.range_1_auth_atom_id 
_pdbx_struct_sheet_hbond.range_1_auth_comp_id 
_pdbx_struct_sheet_hbond.range_1_auth_asym_id 
_pdbx_struct_sheet_hbond.range_1_auth_seq_id 
_pdbx_struct_sheet_hbond.range_2_label_atom_id 
_pdbx_struct_sheet_hbond.range_2_label_comp_id 
_pdbx_struct_sheet_hbond.range_2_label_asym_id 
_pdbx_struct_sheet_hbond.range_2_label_seq_id 
_pdbx_struct_sheet_hbond.range_2_PDB_ins_code 
_pdbx_struct_sheet_hbond.range_2_auth_atom_id 
_pdbx_struct_sheet_hbond.range_2_auth_comp_id 
_pdbx_struct_sheet_hbond.range_2_auth_asym_id 
_pdbx_struct_sheet_hbond.range_2_auth_seq_id 
AA1 1 2 N ALA A 15 ? N ALA A 19 O TYR A 23 ? O TYR A 27 
AA1 2 3 N VAL A 24 ? N VAL A 28 O VAL A 33 ? O VAL A 37 
AA1 3 4 N LYS A 34 ? N LYS A 38 O THR A 43 ? O THR A 47 
AA2 1 2 N ALA A 57 ? N ALA A 61 O TYR A 65 ? O TYR A 69 
AA2 2 3 N VAL A 66 ? N VAL A 70 O VAL A 75 ? O VAL A 79 
AA2 3 4 N LYS A 76 ? N LYS A 80 O THR A 85 ? O THR A 89 
# 
loop_
_struct_site.id 
_struct_site.pdbx_evidence_code 
_struct_site.pdbx_auth_asym_id 
_struct_site.pdbx_auth_comp_id 
_struct_site.pdbx_auth_seq_id 
_struct_site.pdbx_auth_ins_code 
_struct_site.pdbx_num_residues 
_struct_site.details 
AC1 Software A CD 101 ? 8 'binding site for residue CD A 101' 
AC2 Software A CL 102 ? 6 'binding site for residue CL A 102' 
AC3 Software A CL 103 ? 5 'binding site for residue CL A 103' 
# 
loop_
_struct_site_gen.id 
_struct_site_gen.site_id 
_struct_site_gen.pdbx_num_res 
_struct_site_gen.label_comp_id 
_struct_site_gen.label_asym_id 
_struct_site_gen.label_seq_id 
_struct_site_gen.pdbx_auth_ins_code 
_struct_site_gen.auth_comp_id 
_struct_site_gen.auth_asym_id 
_struct_site_gen.auth_seq_id 
_struct_site_gen.label_atom_id 
_struct_site_gen.label_alt_id 
_struct_site_gen.symmetry 
_struct_site_gen.details 
1  AC1 8 HIS A 27 ? HIS A 31  . ? 1_555  ? 
2  AC1 8 HIS A 69 ? HIS A 73  . ? 24_444 ? 
3  AC1 8 CL  C .  ? CL  A 102 . ? 1_555  ? 
4  AC1 8 CL  C .  ? CL  A 102 . ? 24_444 ? 
5  AC1 8 CL  D .  ? CL  A 103 . ? 1_555  ? 
6  AC1 8 CL  D .  ? CL  A 103 . ? 19_444 ? 
7  AC1 8 HOH E .  ? HOH A 242 . ? 24_444 ? 
8  AC1 8 HOH E .  ? HOH A 244 . ? 1_555  ? 
9  AC2 6 HIS A 27 ? HIS A 31  . ? 24_444 ? 
10 AC2 6 HIS A 27 ? HIS A 31  . ? 1_555  ? 
11 AC2 6 HIS A 69 ? HIS A 73  . ? 1_555  ? 
12 AC2 6 HIS A 69 ? HIS A 73  . ? 24_444 ? 
13 AC2 6 CD  B .  ? CD  A 101 . ? 24_444 ? 
14 AC2 6 CD  B .  ? CD  A 101 . ? 1_555  ? 
15 AC3 5 HIS A 27 ? HIS A 31  . ? 19_444 ? 
16 AC3 5 HIS A 69 ? HIS A 73  . ? 24_444 ? 
17 AC3 5 HIS A 69 ? HIS A 73  . ? 5_555  ? 
18 AC3 5 CD  B .  ? CD  A 101 . ? 19_444 ? 
19 AC3 5 CD  B .  ? CD  A 101 . ? 1_555  ? 
# 
_pdbx_validate_symm_contact.id                1 
_pdbx_validate_symm_contact.PDB_model_num     1 
_pdbx_validate_symm_contact.auth_atom_id_1    OD1 
_pdbx_validate_symm_contact.auth_asym_id_1    A 
_pdbx_validate_symm_contact.auth_comp_id_1    ASN 
_pdbx_validate_symm_contact.auth_seq_id_1     55 
_pdbx_validate_symm_contact.PDB_ins_code_1    ? 
_pdbx_validate_symm_contact.label_alt_id_1    ? 
_pdbx_validate_symm_contact.site_symmetry_1   1_555 
_pdbx_validate_symm_contact.auth_atom_id_2    OD1 
_pdbx_validate_symm_contact.auth_asym_id_2    A 
_pdbx_validate_symm_contact.auth_comp_id_2    ASN 
_pdbx_validate_symm_contact.auth_seq_id_2     55 
_pdbx_validate_symm_contact.PDB_ins_code_2    ? 
_pdbx_validate_symm_contact.label_alt_id_2    ? 
_pdbx_validate_symm_contact.site_symmetry_2   24_444 
_pdbx_validate_symm_contact.dist              1.81 
# 
_pdbx_validate_torsion.id              1 
_pdbx_validate_torsion.PDB_model_num   1 
_pdbx_validate_torsion.auth_comp_id    PRO 
_pdbx_validate_torsion.auth_asym_id    A 
_pdbx_validate_torsion.auth_seq_id     50 
_pdbx_validate_torsion.PDB_ins_code    ? 
_pdbx_validate_torsion.label_alt_id    ? 
_pdbx_validate_torsion.phi             -80.78 
_pdbx_validate_torsion.psi             45.36 
# 
loop_
_pdbx_struct_special_symmetry.id 
_pdbx_struct_special_symmetry.PDB_model_num 
_pdbx_struct_special_symmetry.auth_asym_id 
_pdbx_struct_special_symmetry.auth_comp_id 
_pdbx_struct_special_symmetry.auth_seq_id 
_pdbx_struct_special_symmetry.PDB_ins_code 
_pdbx_struct_special_symmetry.label_asym_id 
_pdbx_struct_special_symmetry.label_comp_id 
_pdbx_struct_special_symmetry.label_seq_id 
1 1 A CL 102 ? C CL . 
2 1 A CL 103 ? D CL . 
# 
loop_
_pdbx_unobs_or_zero_occ_residues.id 
_pdbx_unobs_or_zero_occ_residues.PDB_model_num 
_pdbx_unobs_or_zero_occ_residues.polymer_flag 
_pdbx_unobs_or_zero_occ_residues.occupancy_flag 
_pdbx_unobs_or_zero_occ_residues.auth_asym_id 
_pdbx_unobs_or_zero_occ_residues.auth_comp_id 
_pdbx_unobs_or_zero_occ_residues.auth_seq_id 
_pdbx_unobs_or_zero_occ_residues.PDB_ins_code 
_pdbx_unobs_or_zero_occ_residues.label_asym_id 
_pdbx_unobs_or_zero_occ_residues.label_comp_id 
_pdbx_unobs_or_zero_occ_residues.label_seq_id 
1 1 Y 1 A GLY 5 ? A GLY 1 
2 1 Y 1 A SER 6 ? A SER 2 
3 1 Y 1 A HIS 7 ? A HIS 3 
# 
loop_
_chem_comp_atom.comp_id 
_chem_comp_atom.atom_id 
_chem_comp_atom.type_symbol 
_chem_comp_atom.pdbx_aromatic_flag 
_chem_comp_atom.pdbx_stereo_config 
_chem_comp_atom.pdbx_ordinal 
ALA N    N  N N 1   
ALA CA   C  N S 2   
ALA C    C  N N 3   
ALA O    O  N N 4   
ALA CB   C  N N 5   
ALA OXT  O  N N 6   
ALA H    H  N N 7   
ALA H2   H  N N 8   
ALA HA   H  N N 9   
ALA HB1  H  N N 10  
ALA HB2  H  N N 11  
ALA HB3  H  N N 12  
ALA HXT  H  N N 13  
ARG N    N  N N 14  
ARG CA   C  N S 15  
ARG C    C  N N 16  
ARG O    O  N N 17  
ARG CB   C  N N 18  
ARG CG   C  N N 19  
ARG CD   C  N N 20  
ARG NE   N  N N 21  
ARG CZ   C  N N 22  
ARG NH1  N  N N 23  
ARG NH2  N  N N 24  
ARG OXT  O  N N 25  
ARG H    H  N N 26  
ARG H2   H  N N 27  
ARG HA   H  N N 28  
ARG HB2  H  N N 29  
ARG HB3  H  N N 30  
ARG HG2  H  N N 31  
ARG HG3  H  N N 32  
ARG HD2  H  N N 33  
ARG HD3  H  N N 34  
ARG HE   H  N N 35  
ARG HH11 H  N N 36  
ARG HH12 H  N N 37  
ARG HH21 H  N N 38  
ARG HH22 H  N N 39  
ARG HXT  H  N N 40  
ASN N    N  N N 41  
ASN CA   C  N S 42  
ASN C    C  N N 43  
ASN O    O  N N 44  
ASN CB   C  N N 45  
ASN CG   C  N N 46  
ASN OD1  O  N N 47  
ASN ND2  N  N N 48  
ASN OXT  O  N N 49  
ASN H    H  N N 50  
ASN H2   H  N N 51  
ASN HA   H  N N 52  
ASN HB2  H  N N 53  
ASN HB3  H  N N 54  
ASN HD21 H  N N 55  
ASN HD22 H  N N 56  
ASN HXT  H  N N 57  
ASP N    N  N N 58  
ASP CA   C  N S 59  
ASP C    C  N N 60  
ASP O    O  N N 61  
ASP CB   C  N N 62  
ASP CG   C  N N 63  
ASP OD1  O  N N 64  
ASP OD2  O  N N 65  
ASP OXT  O  N N 66  
ASP H    H  N N 67  
ASP H2   H  N N 68  
ASP HA   H  N N 69  
ASP HB2  H  N N 70  
ASP HB3  H  N N 71  
ASP HD2  H  N N 72  
ASP HXT  H  N N 73  
CD  CD   CD N N 74  
CL  CL   CL N N 75  
GLN N    N  N N 76  
GLN CA   C  N S 77  
GLN C    C  N N 78  
GLN O    O  N N 79  
GLN CB   C  N N 80  
GLN CG   C  N N 81  
GLN CD   C  N N 82  
GLN OE1  O  N N 83  
GLN NE2  N  N N 84  
GLN OXT  O  N N 85  
GLN H    H  N N 86  
GLN H2   H  N N 87  
GLN HA   H  N N 88  
GLN HB2  H  N N 89  
GLN HB3  H  N N 90  
GLN HG2  H  N N 91  
GLN HG3  H  N N 92  
GLN HE21 H  N N 93  
GLN HE22 H  N N 94  
GLN HXT  H  N N 95  
GLY N    N  N N 96  
GLY CA   C  N N 97  
GLY C    C  N N 98  
GLY O    O  N N 99  
GLY OXT  O  N N 100 
GLY H    H  N N 101 
GLY H2   H  N N 102 
GLY HA2  H  N N 103 
GLY HA3  H  N N 104 
GLY HXT  H  N N 105 
HIS N    N  N N 106 
HIS CA   C  N S 107 
HIS C    C  N N 108 
HIS O    O  N N 109 
HIS CB   C  N N 110 
HIS CG   C  Y N 111 
HIS ND1  N  Y N 112 
HIS CD2  C  Y N 113 
HIS CE1  C  Y N 114 
HIS NE2  N  Y N 115 
HIS OXT  O  N N 116 
HIS H    H  N N 117 
HIS H2   H  N N 118 
HIS HA   H  N N 119 
HIS HB2  H  N N 120 
HIS HB3  H  N N 121 
HIS HD1  H  N N 122 
HIS HD2  H  N N 123 
HIS HE1  H  N N 124 
HIS HE2  H  N N 125 
HIS HXT  H  N N 126 
HOH O    O  N N 127 
HOH H1   H  N N 128 
HOH H2   H  N N 129 
LEU N    N  N N 130 
LEU CA   C  N S 131 
LEU C    C  N N 132 
LEU O    O  N N 133 
LEU CB   C  N N 134 
LEU CG   C  N N 135 
LEU CD1  C  N N 136 
LEU CD2  C  N N 137 
LEU OXT  O  N N 138 
LEU H    H  N N 139 
LEU H2   H  N N 140 
LEU HA   H  N N 141 
LEU HB2  H  N N 142 
LEU HB3  H  N N 143 
LEU HG   H  N N 144 
LEU HD11 H  N N 145 
LEU HD12 H  N N 146 
LEU HD13 H  N N 147 
LEU HD21 H  N N 148 
LEU HD22 H  N N 149 
LEU HD23 H  N N 150 
LEU HXT  H  N N 151 
LYS N    N  N N 152 
LYS CA   C  N S 153 
LYS C    C  N N 154 
LYS O    O  N N 155 
LYS CB   C  N N 156 
LYS CG   C  N N 157 
LYS CD   C  N N 158 
LYS CE   C  N N 159 
LYS NZ   N  N N 160 
LYS OXT  O  N N 161 
LYS H    H  N N 162 
LYS H2   H  N N 163 
LYS HA   H  N N 164 
LYS HB2  H  N N 165 
LYS HB3  H  N N 166 
LYS HG2  H  N N 167 
LYS HG3  H  N N 168 
LYS HD2  H  N N 169 
LYS HD3  H  N N 170 
LYS HE2  H  N N 171 
LYS HE3  H  N N 172 
LYS HZ1  H  N N 173 
LYS HZ2  H  N N 174 
LYS HZ3  H  N N 175 
LYS HXT  H  N N 176 
MET N    N  N N 177 
MET CA   C  N S 178 
MET C    C  N N 179 
MET O    O  N N 180 
MET CB   C  N N 181 
MET CG   C  N N 182 
MET SD   S  N N 183 
MET CE   C  N N 184 
MET OXT  O  N N 185 
MET H    H  N N 186 
MET H2   H  N N 187 
MET HA   H  N N 188 
MET HB2  H  N N 189 
MET HB3  H  N N 190 
MET HG2  H  N N 191 
MET HG3  H  N N 192 
MET HE1  H  N N 193 
MET HE2  H  N N 194 
MET HE3  H  N N 195 
MET HXT  H  N N 196 
PHE N    N  N N 197 
PHE CA   C  N S 198 
PHE C    C  N N 199 
PHE O    O  N N 200 
PHE CB   C  N N 201 
PHE CG   C  Y N 202 
PHE CD1  C  Y N 203 
PHE CD2  C  Y N 204 
PHE CE1  C  Y N 205 
PHE CE2  C  Y N 206 
PHE CZ   C  Y N 207 
PHE OXT  O  N N 208 
PHE H    H  N N 209 
PHE H2   H  N N 210 
PHE HA   H  N N 211 
PHE HB2  H  N N 212 
PHE HB3  H  N N 213 
PHE HD1  H  N N 214 
PHE HD2  H  N N 215 
PHE HE1  H  N N 216 
PHE HE2  H  N N 217 
PHE HZ   H  N N 218 
PHE HXT  H  N N 219 
PRO N    N  N N 220 
PRO CA   C  N S 221 
PRO C    C  N N 222 
PRO O    O  N N 223 
PRO CB   C  N N 224 
PRO CG   C  N N 225 
PRO CD   C  N N 226 
PRO OXT  O  N N 227 
PRO H    H  N N 228 
PRO HA   H  N N 229 
PRO HB2  H  N N 230 
PRO HB3  H  N N 231 
PRO HG2  H  N N 232 
PRO HG3  H  N N 233 
PRO HD2  H  N N 234 
PRO HD3  H  N N 235 
PRO HXT  H  N N 236 
SER N    N  N N 237 
SER CA   C  N S 238 
SER C    C  N N 239 
SER O    O  N N 240 
SER CB   C  N N 241 
SER OG   O  N N 242 
SER OXT  O  N N 243 
SER H    H  N N 244 
SER H2   H  N N 245 
SER HA   H  N N 246 
SER HB2  H  N N 247 
SER HB3  H  N N 248 
SER HG   H  N N 249 
SER HXT  H  N N 250 
THR N    N  N N 251 
THR CA   C  N S 252 
THR C    C  N N 253 
THR O    O  N N 254 
THR CB   C  N R 255 
THR OG1  O  N N 256 
THR CG2  C  N N 257 
THR OXT  O  N N 258 
THR H    H  N N 259 
THR H2   H  N N 260 
THR HA   H  N N 261 
THR HB   H  N N 262 
THR HG1  H  N N 263 
THR HG21 H  N N 264 
THR HG22 H  N N 265 
THR HG23 H  N N 266 
THR HXT  H  N N 267 
TYR N    N  N N 268 
TYR CA   C  N S 269 
TYR C    C  N N 270 
TYR O    O  N N 271 
TYR CB   C  N N 272 
TYR CG   C  Y N 273 
TYR CD1  C  Y N 274 
TYR CD2  C  Y N 275 
TYR CE1  C  Y N 276 
TYR CE2  C  Y N 277 
TYR CZ   C  Y N 278 
TYR OH   O  N N 279 
TYR OXT  O  N N 280 
TYR H    H  N N 281 
TYR H2   H  N N 282 
TYR HA   H  N N 283 
TYR HB2  H  N N 284 
TYR HB3  H  N N 285 
TYR HD1  H  N N 286 
TYR HD2  H  N N 287 
TYR HE1  H  N N 288 
TYR HE2  H  N N 289 
TYR HH   H  N N 290 
TYR HXT  H  N N 291 
VAL N    N  N N 292 
VAL CA   C  N S 293 
VAL C    C  N N 294 
VAL O    O  N N 295 
VAL CB   C  N N 296 
VAL CG1  C  N N 297 
VAL CG2  C  N N 298 
VAL OXT  O  N N 299 
VAL H    H  N N 300 
VAL H2   H  N N 301 
VAL HA   H  N N 302 
VAL HB   H  N N 303 
VAL HG11 H  N N 304 
VAL HG12 H  N N 305 
VAL HG13 H  N N 306 
VAL HG21 H  N N 307 
VAL HG22 H  N N 308 
VAL HG23 H  N N 309 
VAL HXT  H  N N 310 
# 
loop_
_chem_comp_bond.comp_id 
_chem_comp_bond.atom_id_1 
_chem_comp_bond.atom_id_2 
_chem_comp_bond.value_order 
_chem_comp_bond.pdbx_aromatic_flag 
_chem_comp_bond.pdbx_stereo_config 
_chem_comp_bond.pdbx_ordinal 
ALA N   CA   sing N N 1   
ALA N   H    sing N N 2   
ALA N   H2   sing N N 3   
ALA CA  C    sing N N 4   
ALA CA  CB   sing N N 5   
ALA CA  HA   sing N N 6   
ALA C   O    doub N N 7   
ALA C   OXT  sing N N 8   
ALA CB  HB1  sing N N 9   
ALA CB  HB2  sing N N 10  
ALA CB  HB3  sing N N 11  
ALA OXT HXT  sing N N 12  
ARG N   CA   sing N N 13  
ARG N   H    sing N N 14  
ARG N   H2   sing N N 15  
ARG CA  C    sing N N 16  
ARG CA  CB   sing N N 17  
ARG CA  HA   sing N N 18  
ARG C   O    doub N N 19  
ARG C   OXT  sing N N 20  
ARG CB  CG   sing N N 21  
ARG CB  HB2  sing N N 22  
ARG CB  HB3  sing N N 23  
ARG CG  CD   sing N N 24  
ARG CG  HG2  sing N N 25  
ARG CG  HG3  sing N N 26  
ARG CD  NE   sing N N 27  
ARG CD  HD2  sing N N 28  
ARG CD  HD3  sing N N 29  
ARG NE  CZ   sing N N 30  
ARG NE  HE   sing N N 31  
ARG CZ  NH1  sing N N 32  
ARG CZ  NH2  doub N N 33  
ARG NH1 HH11 sing N N 34  
ARG NH1 HH12 sing N N 35  
ARG NH2 HH21 sing N N 36  
ARG NH2 HH22 sing N N 37  
ARG OXT HXT  sing N N 38  
ASN N   CA   sing N N 39  
ASN N   H    sing N N 40  
ASN N   H2   sing N N 41  
ASN CA  C    sing N N 42  
ASN CA  CB   sing N N 43  
ASN CA  HA   sing N N 44  
ASN C   O    doub N N 45  
ASN C   OXT  sing N N 46  
ASN CB  CG   sing N N 47  
ASN CB  HB2  sing N N 48  
ASN CB  HB3  sing N N 49  
ASN CG  OD1  doub N N 50  
ASN CG  ND2  sing N N 51  
ASN ND2 HD21 sing N N 52  
ASN ND2 HD22 sing N N 53  
ASN OXT HXT  sing N N 54  
ASP N   CA   sing N N 55  
ASP N   H    sing N N 56  
ASP N   H2   sing N N 57  
ASP CA  C    sing N N 58  
ASP CA  CB   sing N N 59  
ASP CA  HA   sing N N 60  
ASP C   O    doub N N 61  
ASP C   OXT  sing N N 62  
ASP CB  CG   sing N N 63  
ASP CB  HB2  sing N N 64  
ASP CB  HB3  sing N N 65  
ASP CG  OD1  doub N N 66  
ASP CG  OD2  sing N N 67  
ASP OD2 HD2  sing N N 68  
ASP OXT HXT  sing N N 69  
GLN N   CA   sing N N 70  
GLN N   H    sing N N 71  
GLN N   H2   sing N N 72  
GLN CA  C    sing N N 73  
GLN CA  CB   sing N N 74  
GLN CA  HA   sing N N 75  
GLN C   O    doub N N 76  
GLN C   OXT  sing N N 77  
GLN CB  CG   sing N N 78  
GLN CB  HB2  sing N N 79  
GLN CB  HB3  sing N N 80  
GLN CG  CD   sing N N 81  
GLN CG  HG2  sing N N 82  
GLN CG  HG3  sing N N 83  
GLN CD  OE1  doub N N 84  
GLN CD  NE2  sing N N 85  
GLN NE2 HE21 sing N N 86  
GLN NE2 HE22 sing N N 87  
GLN OXT HXT  sing N N 88  
GLY N   CA   sing N N 89  
GLY N   H    sing N N 90  
GLY N   H2   sing N N 91  
GLY CA  C    sing N N 92  
GLY CA  HA2  sing N N 93  
GLY CA  HA3  sing N N 94  
GLY C   O    doub N N 95  
GLY C   OXT  sing N N 96  
GLY OXT HXT  sing N N 97  
HIS N   CA   sing N N 98  
HIS N   H    sing N N 99  
HIS N   H2   sing N N 100 
HIS CA  C    sing N N 101 
HIS CA  CB   sing N N 102 
HIS CA  HA   sing N N 103 
HIS C   O    doub N N 104 
HIS C   OXT  sing N N 105 
HIS CB  CG   sing N N 106 
HIS CB  HB2  sing N N 107 
HIS CB  HB3  sing N N 108 
HIS CG  ND1  sing Y N 109 
HIS CG  CD2  doub Y N 110 
HIS ND1 CE1  doub Y N 111 
HIS ND1 HD1  sing N N 112 
HIS CD2 NE2  sing Y N 113 
HIS CD2 HD2  sing N N 114 
HIS CE1 NE2  sing Y N 115 
HIS CE1 HE1  sing N N 116 
HIS NE2 HE2  sing N N 117 
HIS OXT HXT  sing N N 118 
HOH O   H1   sing N N 119 
HOH O   H2   sing N N 120 
LEU N   CA   sing N N 121 
LEU N   H    sing N N 122 
LEU N   H2   sing N N 123 
LEU CA  C    sing N N 124 
LEU CA  CB   sing N N 125 
LEU CA  HA   sing N N 126 
LEU C   O    doub N N 127 
LEU C   OXT  sing N N 128 
LEU CB  CG   sing N N 129 
LEU CB  HB2  sing N N 130 
LEU CB  HB3  sing N N 131 
LEU CG  CD1  sing N N 132 
LEU CG  CD2  sing N N 133 
LEU CG  HG   sing N N 134 
LEU CD1 HD11 sing N N 135 
LEU CD1 HD12 sing N N 136 
LEU CD1 HD13 sing N N 137 
LEU CD2 HD21 sing N N 138 
LEU CD2 HD22 sing N N 139 
LEU CD2 HD23 sing N N 140 
LEU OXT HXT  sing N N 141 
LYS N   CA   sing N N 142 
LYS N   H    sing N N 143 
LYS N   H2   sing N N 144 
LYS CA  C    sing N N 145 
LYS CA  CB   sing N N 146 
LYS CA  HA   sing N N 147 
LYS C   O    doub N N 148 
LYS C   OXT  sing N N 149 
LYS CB  CG   sing N N 150 
LYS CB  HB2  sing N N 151 
LYS CB  HB3  sing N N 152 
LYS CG  CD   sing N N 153 
LYS CG  HG2  sing N N 154 
LYS CG  HG3  sing N N 155 
LYS CD  CE   sing N N 156 
LYS CD  HD2  sing N N 157 
LYS CD  HD3  sing N N 158 
LYS CE  NZ   sing N N 159 
LYS CE  HE2  sing N N 160 
LYS CE  HE3  sing N N 161 
LYS NZ  HZ1  sing N N 162 
LYS NZ  HZ2  sing N N 163 
LYS NZ  HZ3  sing N N 164 
LYS OXT HXT  sing N N 165 
MET N   CA   sing N N 166 
MET N   H    sing N N 167 
MET N   H2   sing N N 168 
MET CA  C    sing N N 169 
MET CA  CB   sing N N 170 
MET CA  HA   sing N N 171 
MET C   O    doub N N 172 
MET C   OXT  sing N N 173 
MET CB  CG   sing N N 174 
MET CB  HB2  sing N N 175 
MET CB  HB3  sing N N 176 
MET CG  SD   sing N N 177 
MET CG  HG2  sing N N 178 
MET CG  HG3  sing N N 179 
MET SD  CE   sing N N 180 
MET CE  HE1  sing N N 181 
MET CE  HE2  sing N N 182 
MET CE  HE3  sing N N 183 
MET OXT HXT  sing N N 184 
PHE N   CA   sing N N 185 
PHE N   H    sing N N 186 
PHE N   H2   sing N N 187 
PHE CA  C    sing N N 188 
PHE CA  CB   sing N N 189 
PHE CA  HA   sing N N 190 
PHE C   O    doub N N 191 
PHE C   OXT  sing N N 192 
PHE CB  CG   sing N N 193 
PHE CB  HB2  sing N N 194 
PHE CB  HB3  sing N N 195 
PHE CG  CD1  doub Y N 196 
PHE CG  CD2  sing Y N 197 
PHE CD1 CE1  sing Y N 198 
PHE CD1 HD1  sing N N 199 
PHE CD2 CE2  doub Y N 200 
PHE CD2 HD2  sing N N 201 
PHE CE1 CZ   doub Y N 202 
PHE CE1 HE1  sing N N 203 
PHE CE2 CZ   sing Y N 204 
PHE CE2 HE2  sing N N 205 
PHE CZ  HZ   sing N N 206 
PHE OXT HXT  sing N N 207 
PRO N   CA   sing N N 208 
PRO N   CD   sing N N 209 
PRO N   H    sing N N 210 
PRO CA  C    sing N N 211 
PRO CA  CB   sing N N 212 
PRO CA  HA   sing N N 213 
PRO C   O    doub N N 214 
PRO C   OXT  sing N N 215 
PRO CB  CG   sing N N 216 
PRO CB  HB2  sing N N 217 
PRO CB  HB3  sing N N 218 
PRO CG  CD   sing N N 219 
PRO CG  HG2  sing N N 220 
PRO CG  HG3  sing N N 221 
PRO CD  HD2  sing N N 222 
PRO CD  HD3  sing N N 223 
PRO OXT HXT  sing N N 224 
SER N   CA   sing N N 225 
SER N   H    sing N N 226 
SER N   H2   sing N N 227 
SER CA  C    sing N N 228 
SER CA  CB   sing N N 229 
SER CA  HA   sing N N 230 
SER C   O    doub N N 231 
SER C   OXT  sing N N 232 
SER CB  OG   sing N N 233 
SER CB  HB2  sing N N 234 
SER CB  HB3  sing N N 235 
SER OG  HG   sing N N 236 
SER OXT HXT  sing N N 237 
THR N   CA   sing N N 238 
THR N   H    sing N N 239 
THR N   H2   sing N N 240 
THR CA  C    sing N N 241 
THR CA  CB   sing N N 242 
THR CA  HA   sing N N 243 
THR C   O    doub N N 244 
THR C   OXT  sing N N 245 
THR CB  OG1  sing N N 246 
THR CB  CG2  sing N N 247 
THR CB  HB   sing N N 248 
THR OG1 HG1  sing N N 249 
THR CG2 HG21 sing N N 250 
THR CG2 HG22 sing N N 251 
THR CG2 HG23 sing N N 252 
THR OXT HXT  sing N N 253 
TYR N   CA   sing N N 254 
TYR N   H    sing N N 255 
TYR N   H2   sing N N 256 
TYR CA  C    sing N N 257 
TYR CA  CB   sing N N 258 
TYR CA  HA   sing N N 259 
TYR C   O    doub N N 260 
TYR C   OXT  sing N N 261 
TYR CB  CG   sing N N 262 
TYR CB  HB2  sing N N 263 
TYR CB  HB3  sing N N 264 
TYR CG  CD1  doub Y N 265 
TYR CG  CD2  sing Y N 266 
TYR CD1 CE1  sing Y N 267 
TYR CD1 HD1  sing N N 268 
TYR CD2 CE2  doub Y N 269 
TYR CD2 HD2  sing N N 270 
TYR CE1 CZ   doub Y N 271 
TYR CE1 HE1  sing N N 272 
TYR CE2 CZ   sing Y N 273 
TYR CE2 HE2  sing N N 274 
TYR CZ  OH   sing N N 275 
TYR OH  HH   sing N N 276 
TYR OXT HXT  sing N N 277 
VAL N   CA   sing N N 278 
VAL N   H    sing N N 279 
VAL N   H2   sing N N 280 
VAL CA  C    sing N N 281 
VAL CA  CB   sing N N 282 
VAL CA  HA   sing N N 283 
VAL C   O    doub N N 284 
VAL C   OXT  sing N N 285 
VAL CB  CG1  sing N N 286 
VAL CB  CG2  sing N N 287 
VAL CB  HB   sing N N 288 
VAL CG1 HG11 sing N N 289 
VAL CG1 HG12 sing N N 290 
VAL CG1 HG13 sing N N 291 
VAL CG2 HG21 sing N N 292 
VAL CG2 HG22 sing N N 293 
VAL CG2 HG23 sing N N 294 
VAL OXT HXT  sing N N 295 
# 
_atom_sites.entry_id                    5F53 
_atom_sites.fract_transf_matrix[1][1]   -0.00438970 
_atom_sites.fract_transf_matrix[1][2]   -0.00125910 
_atom_sites.fract_transf_matrix[1][3]   -0.00783067 
_atom_sites.fract_transf_matrix[2][1]   -0.00636754 
_atom_sites.fract_transf_matrix[2][2]   0.00589542 
_atom_sites.fract_transf_matrix[2][3]   0.00262157 
_atom_sites.fract_transf_matrix[3][1]   0.00472855 
_atom_sites.fract_transf_matrix[3][2]   0.00677000 
_atom_sites.fract_transf_matrix[3][3]   -0.00373927 
_atom_sites.fract_transf_vector[1]      -0.098313 
_atom_sites.fract_transf_vector[2]      -0.083608 
_atom_sites.fract_transf_vector[3]      0.034742 
# 
loop_
_atom_type.symbol 
C  
CD 
CL 
N  
O  
S  
# 
loop_
_atom_site.group_PDB 
_atom_site.id 
_atom_site.type_symbol 
_atom_site.label_atom_id 
_atom_site.label_alt_id 
_atom_site.label_comp_id 
_atom_site.label_asym_id 
_atom_site.label_entity_id 
_atom_site.label_seq_id 
_atom_site.pdbx_PDB_ins_code 
_atom_site.Cartn_x 
_atom_site.Cartn_y 
_atom_site.Cartn_z 
_atom_site.occupancy 
_atom_site.B_iso_or_equiv 
_atom_site.pdbx_formal_charge 
_atom_site.auth_seq_id 
_atom_site.auth_comp_id 
_atom_site.auth_asym_id 
_atom_site.auth_atom_id 
_atom_site.pdbx_PDB_model_num 
ATOM   1   N  N   . MET A 1 4  ? 6.112   -5.608  -13.623 1.00 59.20 ? 8   MET A N   1 
ATOM   2   C  CA  . MET A 1 4  ? 5.847   -6.773  -12.746 1.00 50.62 ? 8   MET A CA  1 
ATOM   3   C  C   . MET A 1 4  ? 5.943   -6.371  -11.270 1.00 48.92 ? 8   MET A C   1 
ATOM   4   O  O   . MET A 1 4  ? 6.729   -5.540  -10.870 1.00 54.60 ? 8   MET A O   1 
ATOM   5   C  CB  . MET A 1 4  ? 6.761   -7.968  -13.069 1.00 56.65 ? 8   MET A CB  1 
ATOM   6   C  CG  . MET A 1 4  ? 6.027   -9.297  -13.282 1.00 67.83 ? 8   MET A CG  1 
ATOM   7   S  SD  . MET A 1 4  ? 6.544   -10.272 -14.723 1.00 89.93 ? 8   MET A SD  1 
ATOM   8   C  CE  . MET A 1 4  ? 5.124   -11.372 -14.975 1.00 79.82 ? 8   MET A CE  1 
ATOM   9   N  N   . PHE A 1 5  ? 5.047   -6.929  -10.475 1.00 40.25 ? 9   PHE A N   1 
ATOM   10  C  CA  . PHE A 1 5  ? 5.226   -7.057  -9.058  1.00 41.33 ? 9   PHE A CA  1 
ATOM   11  C  C   . PHE A 1 5  ? 6.229   -8.200  -8.903  1.00 47.21 ? 9   PHE A C   1 
ATOM   12  O  O   . PHE A 1 5  ? 6.161   -9.203  -9.651  1.00 62.58 ? 9   PHE A O   1 
ATOM   13  C  CB  . PHE A 1 5  ? 3.930   -7.460  -8.400  1.00 36.07 ? 9   PHE A CB  1 
ATOM   14  C  CG  . PHE A 1 5  ? 2.959   -6.362  -8.277  1.00 34.25 ? 9   PHE A CG  1 
ATOM   15  C  CD1 . PHE A 1 5  ? 3.254   -5.248  -7.518  1.00 27.99 ? 9   PHE A CD1 1 
ATOM   16  C  CD2 . PHE A 1 5  ? 1.723   -6.454  -8.878  1.00 32.47 ? 9   PHE A CD2 1 
ATOM   17  C  CE1 . PHE A 1 5  ? 2.356   -4.230  -7.378  1.00 31.80 ? 9   PHE A CE1 1 
ATOM   18  C  CE2 . PHE A 1 5  ? 0.828   -5.430  -8.748  1.00 34.26 ? 9   PHE A CE2 1 
ATOM   19  C  CZ  . PHE A 1 5  ? 1.134   -4.313  -7.965  1.00 35.08 ? 9   PHE A CZ  1 
ATOM   20  N  N   . THR A 1 6  ? 7.204   -8.020  -8.015  1.00 43.99 ? 10  THR A N   1 
ATOM   21  C  CA  . THR A 1 6  ? 8.186   -9.054  -7.733  1.00 37.14 ? 10  THR A CA  1 
ATOM   22  C  C   . THR A 1 6  ? 8.583   -8.998  -6.276  1.00 31.58 ? 10  THR A C   1 
ATOM   23  O  O   . THR A 1 6  ? 8.387   -8.020  -5.574  1.00 33.89 ? 10  THR A O   1 
ATOM   24  C  CB  . THR A 1 6  ? 9.436   -8.857  -8.566  1.00 43.51 ? 10  THR A CB  1 
ATOM   25  O  OG1 . THR A 1 6  ? 9.919   -7.517  -8.371  1.00 47.09 ? 10  THR A OG1 1 
ATOM   26  C  CG2 . THR A 1 6  ? 9.143   -9.116  -10.093 1.00 50.03 ? 10  THR A CG2 1 
ATOM   27  N  N   . GLY A 1 7  ? 9.149   -10.082 -5.832  1.00 27.15 ? 11  GLY A N   1 
ATOM   28  C  CA  . GLY A 1 7  ? 9.535   -10.214 -4.461  1.00 26.55 ? 11  GLY A CA  1 
ATOM   29  C  C   . GLY A 1 7  ? 8.368   -10.186 -3.494  1.00 23.58 ? 11  GLY A C   1 
ATOM   30  O  O   . GLY A 1 7  ? 8.591   -9.823  -2.359  1.00 24.70 ? 11  GLY A O   1 
ATOM   31  N  N   . LEU A 1 8  ? 7.138   -10.499 -3.918  1.00 23.50 ? 12  LEU A N   1 
ATOM   32  C  CA  . LEU A 1 8  ? 6.025   -10.490 -2.967  1.00 23.53 ? 12  LEU A CA  1 
ATOM   33  C  C   . LEU A 1 8  ? 6.113   -11.690 -2.044  1.00 23.87 ? 12  LEU A C   1 
ATOM   34  O  O   . LEU A 1 8  ? 6.669   -12.697 -2.429  1.00 22.36 ? 12  LEU A O   1 
ATOM   35  C  CB  . LEU A 1 8  ? 4.702   -10.497 -3.683  1.00 24.12 ? 12  LEU A CB  1 
ATOM   36  C  CG  . LEU A 1 8  ? 4.457   -9.307  -4.618  1.00 25.18 ? 12  LEU A CG  1 
ATOM   37  C  CD1 . LEU A 1 8  ? 3.087   -9.473  -5.186  1.00 26.35 ? 12  LEU A CD1 1 
ATOM   38  C  CD2 . LEU A 1 8  ? 4.512   -7.982  -3.864  1.00 25.43 ? 12  LEU A CD2 1 
ATOM   39  N  N   . ASN A 1 9  ? 5.643   -11.543 -0.818  1.00 22.87 ? 13  ASN A N   1 
ATOM   40  C  CA  . ASN A 1 9  ? 5.482   -12.626 0.173   1.00 24.06 ? 13  ASN A CA  1 
ATOM   41  C  C   . ASN A 1 9  ? 4.070   -12.665 0.656   1.00 23.08 ? 13  ASN A C   1 
ATOM   42  O  O   . ASN A 1 9  ? 3.699   -11.796 1.448   1.00 20.97 ? 13  ASN A O   1 
ATOM   43  C  CB  . ASN A 1 9  ? 6.190   -12.294 1.481   1.00 32.05 ? 13  ASN A CB  1 
ATOM   44  C  CG  . ASN A 1 9  ? 7.469   -12.928 1.629   1.00 36.14 ? 13  ASN A CG  1 
ATOM   45  O  OD1 . ASN A 1 9  ? 8.157   -13.168 0.631   1.00 47.28 ? 13  ASN A OD1 1 
ATOM   46  N  ND2 . ASN A 1 9  ? 7.855   -13.172 2.874   1.00 31.26 ? 13  ASN A ND2 1 
ATOM   47  N  N   . THR A 1 10 ? 3.304   -13.705 0.295   1.00 21.37 ? 14  THR A N   1 
ATOM   48  C  CA  . THR A 1 10 ? 1.947   -13.917 0.816   1.00 22.75 ? 14  THR A CA  1 
ATOM   49  C  C   . THR A 1 10 ? 1.112   -12.655 0.872   1.00 19.62 ? 14  THR A C   1 
ATOM   50  O  O   . THR A 1 10 ? 0.538   -12.354 1.869   1.00 20.93 ? 14  THR A O   1 
ATOM   51  C  CB  . THR A 1 10 ? 1.934   -14.581 2.196   1.00 25.46 ? 14  THR A CB  1 
ATOM   52  O  OG1 . THR A 1 10 ? 2.756   -13.825 3.086   1.00 34.46 ? 14  THR A OG1 1 
ATOM   53  C  CG2 . THR A 1 10 ? 2.366   -15.930 2.124   1.00 26.48 ? 14  THR A CG2 1 
ATOM   54  N  N   . PRO A 1 11 ? 1.012   -11.958 -0.264  1.00 19.16 ? 15  PRO A N   1 
ATOM   55  C  CA  . PRO A 1 11 ? 0.245   -10.735 -0.370  1.00 21.08 ? 15  PRO A CA  1 
ATOM   56  C  C   . PRO A 1 11 ? -1.193  -10.988 0.028   1.00 19.89 ? 15  PRO A C   1 
ATOM   57  O  O   . PRO A 1 11 ? -1.747  -12.073 -0.190  1.00 19.33 ? 15  PRO A O   1 
ATOM   58  C  CB  . PRO A 1 11 ? 0.354   -10.383 -1.845  1.00 20.26 ? 15  PRO A CB  1 
ATOM   59  C  CG  . PRO A 1 11 ? 0.519   -11.697 -2.496  1.00 20.16 ? 15  PRO A CG  1 
ATOM   60  C  CD  . PRO A 1 11 ? 1.458   -12.423 -1.586  1.00 19.53 ? 15  PRO A CD  1 
ATOM   61  N  N   . SER A 1 12 ? -1.769  -9.992  0.646   1.00 20.46 ? 16  SER A N   1 
ATOM   62  C  CA  . SER A 1 12 ? -3.041  -10.137 1.255   1.00 24.97 ? 16  SER A CA  1 
ATOM   63  C  C   . SER A 1 12 ? -4.031  -9.210  0.541   1.00 28.18 ? 16  SER A C   1 
ATOM   64  O  O   . SER A 1 12 ? -4.923  -9.688  -0.128  1.00 47.53 ? 16  SER A O   1 
ATOM   65  C  CB  . SER A 1 12 ? -2.933  -9.906  2.772   1.00 26.52 ? 16  SER A CB  1 
ATOM   66  O  OG  . SER A 1 12 ? -2.324  -8.608  2.995   1.00 37.80 ? 16  SER A OG  1 
ATOM   67  N  N   . GLY A 1 13 ? -3.875  -7.916  0.610   1.00 31.98 ? 17  GLY A N   1 
ATOM   68  C  CA  . GLY A 1 13 ? -4.861  -6.977  -0.018  1.00 25.03 ? 17  GLY A CA  1 
ATOM   69  C  C   . GLY A 1 13 ? -4.504  -6.333  -1.330  1.00 22.93 ? 17  GLY A C   1 
ATOM   70  O  O   . GLY A 1 13 ? -3.334  -6.182  -1.642  1.00 20.08 ? 17  GLY A O   1 
ATOM   71  N  N   . VAL A 1 14 ? -5.533  -5.863  -2.053  1.00 22.03 ? 18  VAL A N   1 
ATOM   72  C  CA  . VAL A 1 14 ? -5.293  -5.188  -3.330  1.00 19.64 ? 18  VAL A CA  1 
ATOM   73  C  C   . VAL A 1 14 ? -6.331  -4.099  -3.524  1.00 22.93 ? 18  VAL A C   1 
ATOM   74  O  O   . VAL A 1 14 ? -7.495  -4.254  -3.135  1.00 20.75 ? 18  VAL A O   1 
ATOM   75  C  CB  . VAL A 1 14 ? -5.224  -6.178  -4.548  1.00 20.13 ? 18  VAL A CB  1 
ATOM   76  C  CG1 . VAL A 1 14 ? -6.511  -6.905  -4.715  1.00 20.80 ? 18  VAL A CG1 1 
ATOM   77  C  CG2 . VAL A 1 14 ? -4.849  -5.439  -5.853  1.00 21.40 ? 18  VAL A CG2 1 
ATOM   78  N  N   . ALA A 1 15 ? -5.900  -2.996  -4.113  1.00 21.14 ? 19  ALA A N   1 
ATOM   79  C  CA  . ALA A 1 15 ? -6.843  -1.940  -4.512  1.00 21.84 ? 19  ALA A CA  1 
ATOM   80  C  C   . ALA A 1 15 ? -6.386  -1.369  -5.857  1.00 21.02 ? 19  ALA A C   1 
ATOM   81  O  O   . ALA A 1 15 ? -5.242  -1.511  -6.239  1.00 20.36 ? 19  ALA A O   1 
ATOM   82  C  CB  . ALA A 1 15 ? -6.868  -0.849  -3.472  1.00 20.78 ? 19  ALA A CB  1 
ATOM   83  N  N   . VAL A 1 16 ? -7.312  -0.707  -6.549  1.00 22.88 ? 20  VAL A N   1 
ATOM   84  C  CA  . VAL A 1 16 ? -6.986  -0.108  -7.843  1.00 24.22 ? 20  VAL A CA  1 
ATOM   85  C  C   . VAL A 1 16 ? -7.625  1.286   -7.907  1.00 24.51 ? 20  VAL A C   1 
ATOM   86  O  O   . VAL A 1 16 ? -8.755  1.446   -7.507  1.00 24.25 ? 20  VAL A O   1 
ATOM   87  C  CB  . VAL A 1 16 ? -7.360  -1.057  -8.994  1.00 24.42 ? 20  VAL A CB  1 
ATOM   88  C  CG1 . VAL A 1 16 ? -8.846  -1.369  -9.040  1.00 30.07 ? 20  VAL A CG1 1 
ATOM   89  C  CG2 . VAL A 1 16 ? -6.930  -0.493  -10.329 1.00 26.07 ? 20  VAL A CG2 1 
ATOM   90  N  N   . ASP A 1 17 ? -6.860  2.316   -8.299  1.00 28.65 ? 21  ASP A N   1 
ATOM   91  C  CA  . ASP A 1 17 ? -7.415  3.689   -8.353  1.00 28.95 ? 21  ASP A CA  1 
ATOM   92  C  C   . ASP A 1 17 ? -8.044  3.976   -9.737  1.00 30.60 ? 21  ASP A C   1 
ATOM   93  O  O   . ASP A 1 17 ? -8.032  3.162   -10.637 1.00 25.06 ? 21  ASP A O   1 
ATOM   94  C  CB  . ASP A 1 17 ? -6.372  4.772   -7.889  1.00 25.61 ? 21  ASP A CB  1 
ATOM   95  C  CG  . ASP A 1 17 ? -5.223  4.962   -8.809  1.00 26.99 ? 21  ASP A CG  1 
ATOM   96  O  OD1 . ASP A 1 17 ? -5.252  4.582   -9.990  1.00 28.67 ? 21  ASP A OD1 1 
ATOM   97  O  OD2 . ASP A 1 17 ? -4.187  5.471   -8.306  1.00 26.91 ? 21  ASP A OD2 1 
ATOM   98  N  N   . SER A 1 18 ? -8.615  5.153   -9.870  1.00 33.61 ? 22  SER A N   1 
ATOM   99  C  CA  . SER A 1 18 ? -9.237  5.578   -11.131 1.00 32.42 ? 22  SER A CA  1 
ATOM   100 C  C   . SER A 1 18 ? -8.240  5.735   -12.264 1.00 30.30 ? 22  SER A C   1 
ATOM   101 O  O   . SER A 1 18 ? -8.584  5.644   -13.408 1.00 32.27 ? 22  SER A O   1 
ATOM   102 C  CB  . SER A 1 18 ? -9.945  6.904   -10.870 1.00 34.33 ? 22  SER A CB  1 
ATOM   103 O  OG  . SER A 1 18 ? -8.954  7.871   -10.607 1.00 36.25 ? 22  SER A OG  1 
ATOM   104 N  N   . ALA A 1 19 ? -6.975  5.888   -11.958 1.00 31.68 ? 23  ALA A N   1 
ATOM   105 C  CA  . ALA A 1 19 ? -5.950  5.801   -12.960 1.00 28.94 ? 23  ALA A CA  1 
ATOM   106 C  C   . ALA A 1 19 ? -5.462  4.434   -13.327 1.00 30.59 ? 23  ALA A C   1 
ATOM   107 O  O   . ALA A 1 19 ? -4.612  4.337   -14.177 1.00 31.88 ? 23  ALA A O   1 
ATOM   108 C  CB  . ALA A 1 19 ? -4.761  6.607   -12.509 1.00 34.37 ? 23  ALA A CB  1 
ATOM   109 N  N   . GLY A 1 20 ? -5.938  3.374   -12.684 1.00 29.97 ? 24  GLY A N   1 
ATOM   110 C  CA  . GLY A 1 20 ? -5.463  2.020   -12.986 1.00 28.51 ? 24  GLY A CA  1 
ATOM   111 C  C   . GLY A 1 20 ? -4.195  1.621   -12.260 1.00 26.62 ? 24  GLY A C   1 
ATOM   112 O  O   . GLY A 1 20 ? -3.602  0.602   -12.565 1.00 32.13 ? 24  GLY A O   1 
ATOM   113 N  N   . THR A 1 21 ? -3.753  2.437   -11.303 1.00 27.44 ? 25  THR A N   1 
ATOM   114 C  CA  . THR A 1 21 ? -2.611  2.087   -10.464 1.00 25.62 ? 25  THR A CA  1 
ATOM   115 C  C   . THR A 1 21 ? -3.116  1.041   -9.451  1.00 22.26 ? 25  THR A C   1 
ATOM   116 O  O   . THR A 1 21 ? -4.193  1.197   -8.861  1.00 22.65 ? 25  THR A O   1 
ATOM   117 C  CB  . THR A 1 21 ? -2.046  3.308   -9.751  1.00 24.48 ? 25  THR A CB  1 
ATOM   118 O  OG1 . THR A 1 21 ? -1.553  4.224   -10.750 1.00 27.16 ? 25  THR A OG1 1 
ATOM   119 C  CG2 . THR A 1 21 ? -0.968  2.931   -8.776  1.00 24.03 ? 25  THR A CG2 1 
ATOM   120 N  N   . VAL A 1 22 ? -2.361  -0.034  -9.353  1.00 23.65 ? 26  VAL A N   1 
ATOM   121 C  CA  . VAL A 1 22 ? -2.737  -1.167  -8.494  1.00 23.95 ? 26  VAL A CA  1 
ATOM   122 C  C   . VAL A 1 22 ? -1.803  -1.130  -7.241  1.00 23.33 ? 26  VAL A C   1 
ATOM   123 O  O   . VAL A 1 22 ? -0.600  -0.974  -7.377  1.00 25.40 ? 26  VAL A O   1 
ATOM   124 C  CB  . VAL A 1 22 ? -2.510  -2.445  -9.258  1.00 24.73 ? 26  VAL A CB  1 
ATOM   125 C  CG1 . VAL A 1 22 ? -2.857  -3.615  -8.364  1.00 25.90 ? 26  VAL A CG1 1 
ATOM   126 C  CG2 . VAL A 1 22 ? -3.347  -2.405  -10.551 1.00 25.70 ? 26  VAL A CG2 1 
ATOM   127 N  N   . TYR A 1 23 ? -2.402  -1.249  -6.063  1.00 20.83 ? 27  TYR A N   1 
ATOM   128 C  CA  . TYR A 1 23 ? -1.731  -1.128  -4.761  1.00 19.42 ? 27  TYR A CA  1 
ATOM   129 C  C   . TYR A 1 23 ? -1.906  -2.464  -4.110  1.00 21.21 ? 27  TYR A C   1 
ATOM   130 O  O   . TYR A 1 23 ? -3.018  -2.965  -4.121  1.00 20.35 ? 27  TYR A O   1 
ATOM   131 C  CB  . TYR A 1 23 ? -2.370  -0.105  -3.875  1.00 20.04 ? 27  TYR A CB  1 
ATOM   132 C  CG  . TYR A 1 23 ? -2.410  1.270   -4.461  1.00 23.29 ? 27  TYR A CG  1 
ATOM   133 C  CD1 . TYR A 1 23 ? -3.386  1.602   -5.415  1.00 23.76 ? 27  TYR A CD1 1 
ATOM   134 C  CD2 . TYR A 1 23 ? -1.502  2.279   -4.034  1.00 25.80 ? 27  TYR A CD2 1 
ATOM   135 C  CE1 . TYR A 1 23 ? -3.435  2.896   -5.940  1.00 24.48 ? 27  TYR A CE1 1 
ATOM   136 C  CE2 . TYR A 1 23 ? -1.518  3.562   -4.585  1.00 24.31 ? 27  TYR A CE2 1 
ATOM   137 C  CZ  . TYR A 1 23 ? -2.483  3.858   -5.531  1.00 25.08 ? 27  TYR A CZ  1 
ATOM   138 O  OH  . TYR A 1 23 ? -2.570  5.123   -6.073  1.00 27.18 ? 27  TYR A OH  1 
ATOM   139 N  N   . VAL A 1 24 ? -0.825  -3.044  -3.557  1.00 20.92 ? 28  VAL A N   1 
ATOM   140 C  CA  . VAL A 1 24 ? -0.892  -4.375  -2.947  1.00 21.37 ? 28  VAL A CA  1 
ATOM   141 C  C   . VAL A 1 24 ? -0.288  -4.359  -1.552  1.00 21.36 ? 28  VAL A C   1 
ATOM   142 O  O   . VAL A 1 24 ? 0.772   -3.782  -1.389  1.00 22.51 ? 28  VAL A O   1 
ATOM   143 C  CB  . VAL A 1 24 ? -0.149  -5.338  -3.857  1.00 19.77 ? 28  VAL A CB  1 
ATOM   144 C  CG1 . VAL A 1 24 ? 0.061   -6.679  -3.207  1.00 22.21 ? 28  VAL A CG1 1 
ATOM   145 C  CG2 . VAL A 1 24 ? -0.893  -5.468  -5.149  1.00 22.66 ? 28  VAL A CG2 1 
ATOM   146 N  N   . THR A 1 25 ? -0.945  -4.936  -0.548  1.00 21.08 ? 29  THR A N   1 
ATOM   147 C  CA  . THR A 1 25 ? -0.264  -5.108  0.798   1.00 21.34 ? 29  THR A CA  1 
ATOM   148 C  C   . THR A 1 25 ? 0.565   -6.376  0.709   1.00 20.66 ? 29  THR A C   1 
ATOM   149 O  O   . THR A 1 25 ? 0.019   -7.469  0.530   1.00 20.26 ? 29  THR A O   1 
ATOM   150 C  CB  . THR A 1 25 ? -1.229  -5.145  1.993   1.00 26.21 ? 29  THR A CB  1 
ATOM   151 O  OG1 . THR A 1 25 ? -2.425  -5.862  1.663   1.00 36.45 ? 29  THR A OG1 1 
ATOM   152 C  CG2 . THR A 1 25 ? -1.689  -3.764  2.282   1.00 28.10 ? 29  THR A CG2 1 
ATOM   153 N  N   . ASP A 1 26 ? 1.879   -6.214  0.715   1.00 21.13 ? 30  ASP A N   1 
ATOM   154 C  CA  . ASP A 1 26 ? 2.844   -7.303  0.589   1.00 20.62 ? 30  ASP A CA  1 
ATOM   155 C  C   . ASP A 1 26 ? 3.136   -7.794  2.040   1.00 20.24 ? 30  ASP A C   1 
ATOM   156 O  O   . ASP A 1 26 ? 4.124   -7.433  2.693   1.00 19.15 ? 30  ASP A O   1 
ATOM   157 C  CB  . ASP A 1 26 ? 4.094   -6.775  -0.039  1.00 21.90 ? 30  ASP A CB  1 
ATOM   158 C  CG  . ASP A 1 26 ? 5.059   -7.847  -0.363  1.00 25.22 ? 30  ASP A CG  1 
ATOM   159 O  OD1 . ASP A 1 26 ? 4.672   -9.021  -0.273  1.00 27.18 ? 30  ASP A OD1 1 
ATOM   160 O  OD2 . ASP A 1 26 ? 6.212   -7.511  -0.705  1.00 27.52 ? 30  ASP A OD2 1 
ATOM   161 N  N   . HIS A 1 27 ? 2.153   -8.519  2.517   1.00 19.42 ? 31  HIS A N   1 
ATOM   162 C  CA  . HIS A 1 27 ? 1.914   -8.933  3.931   1.00 19.00 ? 31  HIS A CA  1 
ATOM   163 C  C   . HIS A 1 27 ? 3.182   -9.474  4.586   1.00 19.00 ? 31  HIS A C   1 
ATOM   164 O  O   . HIS A 1 27 ? 3.602   -8.942  5.604   1.00 17.58 ? 31  HIS A O   1 
ATOM   165 C  CB  . HIS A 1 27 ? 0.740   -9.938  3.869   1.00 19.01 ? 31  HIS A CB  1 
ATOM   166 C  CG  . HIS A 1 27 ? 0.371   -10.574 5.147   1.00 19.19 ? 31  HIS A CG  1 
ATOM   167 N  ND1 . HIS A 1 27 ? -0.376  -9.919  6.096   1.00 19.36 ? 31  HIS A ND1 1 
ATOM   168 C  CD2 . HIS A 1 27 ? 0.543   -11.838 5.595   1.00 20.05 ? 31  HIS A CD2 1 
ATOM   169 C  CE1 . HIS A 1 27 ? -0.624  -10.740 7.097   1.00 21.13 ? 31  HIS A CE1 1 
ATOM   170 N  NE2 . HIS A 1 27 ? -0.071  -11.906 6.821   1.00 21.73 ? 31  HIS A NE2 1 
ATOM   171 N  N   . GLY A 1 28 ? 3.828   -10.454 3.980   1.00 20.30 ? 32  GLY A N   1 
ATOM   172 C  CA  . GLY A 1 28 ? 5.023   -11.066 4.647   1.00 22.17 ? 32  GLY A CA  1 
ATOM   173 C  C   . GLY A 1 28 ? 6.281   -10.216 4.573   1.00 20.98 ? 32  GLY A C   1 
ATOM   174 O  O   . GLY A 1 28 ? 7.230   -10.516 5.276   1.00 24.85 ? 32  GLY A O   1 
ATOM   175 N  N   . ASN A 1 29 ? 6.304   -9.160  3.740   1.00 21.51 ? 33  ASN A N   1 
ATOM   176 C  CA  . ASN A 1 29 ? 7.402   -8.193  3.708   1.00 19.61 ? 33  ASN A CA  1 
ATOM   177 C  C   . ASN A 1 29 ? 7.101   -6.886  4.402   1.00 20.98 ? 33  ASN A C   1 
ATOM   178 O  O   . ASN A 1 29 ? 7.866   -5.949  4.275   1.00 19.82 ? 33  ASN A O   1 
ATOM   179 C  CB  . ASN A 1 29 ? 7.784   -7.909  2.258   1.00 21.48 ? 33  ASN A CB  1 
ATOM   180 C  CG  . ASN A 1 29 ? 8.435   -9.103  1.585   1.00 24.26 ? 33  ASN A CG  1 
ATOM   181 O  OD1 . ASN A 1 29 ? 9.148   -9.843  2.236   1.00 24.41 ? 33  ASN A OD1 1 
ATOM   182 N  ND2 . ASN A 1 29 ? 8.211   -9.285  0.298   1.00 24.32 ? 33  ASN A ND2 1 
ATOM   183 N  N   . ASN A 1 30 ? 5.988   -6.803  5.114   1.00 18.60 ? 34  ASN A N   1 
ATOM   184 C  CA  . ASN A 1 30 ? 5.729   -5.638  5.974   1.00 21.40 ? 34  ASN A CA  1 
ATOM   185 C  C   . ASN A 1 30 ? 5.740   -4.330  5.225   1.00 21.90 ? 34  ASN A C   1 
ATOM   186 O  O   . ASN A 1 30 ? 6.217   -3.313  5.721   1.00 19.30 ? 34  ASN A O   1 
ATOM   187 C  CB  . ASN A 1 30 ? 6.670   -5.582  7.181   1.00 23.40 ? 34  ASN A CB  1 
ATOM   188 C  CG  . ASN A 1 30 ? 6.554   -6.827  8.006   1.00 25.15 ? 34  ASN A CG  1 
ATOM   189 O  OD1 . ASN A 1 30 ? 5.469   -7.199  8.443   1.00 24.75 ? 34  ASN A OD1 1 
ATOM   190 N  ND2 . ASN A 1 30 ? 7.598   -7.590  8.010   1.00 34.10 ? 34  ASN A ND2 1 
ATOM   191 N  N   . ARG A 1 31 ? 5.169   -4.382  4.035   1.00 20.42 ? 35  ARG A N   1 
ATOM   192 C  CA  . ARG A 1 31 ? 5.194   -3.206  3.152   1.00 20.97 ? 35  ARG A CA  1 
ATOM   193 C  C   . ARG A 1 31 ? 4.010   -3.183  2.233   1.00 20.23 ? 35  ARG A C   1 
ATOM   194 O  O   . ARG A 1 31 ? 3.300   -4.185  2.094   1.00 19.89 ? 35  ARG A O   1 
ATOM   195 C  CB  . ARG A 1 31 ? 6.520   -3.157  2.403   1.00 20.90 ? 35  ARG A CB  1 
ATOM   196 C  CG  . ARG A 1 31 ? 6.588   -4.210  1.326   1.00 20.33 ? 35  ARG A CG  1 
ATOM   197 C  CD  . ARG A 1 31 ? 7.918   -4.333  0.664   1.00 19.65 ? 35  ARG A CD  1 
ATOM   198 N  NE  . ARG A 1 31 ? 7.869   -5.345  -0.389  1.00 22.78 ? 35  ARG A NE  1 
ATOM   199 C  CZ  . ARG A 1 31 ? 8.763   -5.497  -1.364  1.00 26.00 ? 35  ARG A CZ  1 
ATOM   200 N  NH1 . ARG A 1 31 ? 9.863   -4.781  -1.414  1.00 28.82 ? 35  ARG A NH1 1 
ATOM   201 N  NH2 . ARG A 1 31 ? 8.543   -6.407  -2.285  1.00 31.02 ? 35  ARG A NH2 1 
ATOM   202 N  N   . VAL A 1 32 ? 3.798   -2.017  1.611   1.00 19.88 ? 36  VAL A N   1 
ATOM   203 C  CA  . VAL A 1 32 ? 2.809   -1.809  0.556   1.00 20.75 ? 36  VAL A CA  1 
ATOM   204 C  C   . VAL A 1 32 ? 3.501   -1.410  -0.737  1.00 22.80 ? 36  VAL A C   1 
ATOM   205 O  O   . VAL A 1 32 ? 4.311   -0.511  -0.745  1.00 23.35 ? 36  VAL A O   1 
ATOM   206 C  CB  . VAL A 1 32 ? 1.804   -0.726  0.947   1.00 20.02 ? 36  VAL A CB  1 
ATOM   207 C  CG1 . VAL A 1 32 ? 0.746   -0.447  -0.135  1.00 21.30 ? 36  VAL A CG1 1 
ATOM   208 C  CG2 . VAL A 1 32 ? 1.107   -1.111  2.234   1.00 20.68 ? 36  VAL A CG2 1 
ATOM   209 N  N   . VAL A 1 33 ? 3.146   -2.073  -1.838  1.00 21.23 ? 37  VAL A N   1 
ATOM   210 C  CA  . VAL A 1 33 ? 3.797   -1.786  -3.134  1.00 21.63 ? 37  VAL A CA  1 
ATOM   211 C  C   . VAL A 1 33 ? 2.740   -1.244  -4.112  1.00 23.36 ? 37  VAL A C   1 
ATOM   212 O  O   . VAL A 1 33 ? 1.525   -1.423  -3.903  1.00 22.75 ? 37  VAL A O   1 
ATOM   213 C  CB  . VAL A 1 33 ? 4.532   -3.008  -3.729  1.00 21.39 ? 37  VAL A CB  1 
ATOM   214 C  CG1 . VAL A 1 33 ? 5.617   -3.453  -2.791  1.00 23.88 ? 37  VAL A CG1 1 
ATOM   215 C  CG2 . VAL A 1 33 ? 3.586   -4.139  -3.946  1.00 23.19 ? 37  VAL A CG2 1 
ATOM   216 N  N   . LYS A 1 34 ? 3.170   -0.515  -5.136  1.00 24.22 ? 38  LYS A N   1 
ATOM   217 C  CA  . LYS A 1 34 ? 2.213   -0.130  -6.176  1.00 25.86 ? 38  LYS A CA  1 
ATOM   218 C  C   . LYS A 1 34 ? 2.851   -0.188  -7.514  1.00 28.77 ? 38  LYS A C   1 
ATOM   219 O  O   . LYS A 1 34 ? 4.095   -0.102  -7.662  1.00 27.42 ? 38  LYS A O   1 
ATOM   220 C  CB  . LYS A 1 34 ? 1.562   1.218   -5.918  1.00 29.84 ? 38  LYS A CB  1 
ATOM   221 C  CG  . LYS A 1 34 ? 2.428   2.385   -6.270  1.00 29.96 ? 38  LYS A CG  1 
ATOM   222 C  CD  . LYS A 1 34 ? 1.669   3.689   -6.078  1.00 29.41 ? 38  LYS A CD  1 
ATOM   223 C  CE  . LYS A 1 34 ? 2.620   4.833   -6.240  1.00 34.85 ? 38  LYS A CE  1 
ATOM   224 N  NZ  . LYS A 1 34 ? 1.896   6.145   -6.094  1.00 35.71 ? 38  LYS A NZ  1 
ATOM   225 N  N   . LEU A 1 35 ? 1.986   -0.368  -8.486  1.00 29.04 ? 39  LEU A N   1 
ATOM   226 C  CA  . LEU A 1 35 ? 2.402   -0.491  -9.853  1.00 31.21 ? 39  LEU A CA  1 
ATOM   227 C  C   . LEU A 1 35 ? 1.548   0.463   -10.663 1.00 33.25 ? 39  LEU A C   1 
ATOM   228 O  O   . LEU A 1 35 ? 0.328   0.321   -10.761 1.00 31.26 ? 39  LEU A O   1 
ATOM   229 C  CB  . LEU A 1 35 ? 2.246   -1.904  -10.315 1.00 35.02 ? 39  LEU A CB  1 
ATOM   230 C  CG  . LEU A 1 35 ? 2.825   -2.186  -11.700 1.00 41.39 ? 39  LEU A CG  1 
ATOM   231 C  CD1 . LEU A 1 35 ? 4.339   -1.948  -11.799 1.00 40.37 ? 39  LEU A CD1 1 
ATOM   232 C  CD2 . LEU A 1 35 ? 2.509   -3.629  -12.058 1.00 47.12 ? 39  LEU A CD2 1 
ATOM   233 N  N   . ALA A 1 36 ? 2.194   1.472   -11.199 1.00 39.37 ? 40  ALA A N   1 
ATOM   234 C  CA  . ALA A 1 36 ? 1.470   2.501   -11.978 1.00 44.32 ? 40  ALA A CA  1 
ATOM   235 C  C   . ALA A 1 36 ? 1.023   1.922   -13.295 1.00 44.80 ? 40  ALA A C   1 
ATOM   236 O  O   . ALA A 1 36 ? 1.649   0.974   -13.811 1.00 43.80 ? 40  ALA A O   1 
ATOM   237 C  CB  . ALA A 1 36 ? 2.312   3.735   -12.179 1.00 47.77 ? 40  ALA A CB  1 
ATOM   238 N  N   . ALA A 1 37 ? -0.111  2.427   -13.806 1.00 59.69 ? 41  ALA A N   1 
ATOM   239 C  CA  . ALA A 1 37 ? -0.705  1.865   -15.035 1.00 64.63 ? 41  ALA A CA  1 
ATOM   240 C  C   . ALA A 1 37 ? 0.268   2.162   -16.172 1.00 67.65 ? 41  ALA A C   1 
ATOM   241 O  O   . ALA A 1 37 ? 0.805   3.294   -16.257 1.00 58.68 ? 41  ALA A O   1 
ATOM   242 C  CB  . ALA A 1 37 ? -2.090  2.440   -15.313 1.00 66.66 ? 41  ALA A CB  1 
ATOM   243 N  N   . GLY A 1 38 ? 0.549   1.129   -16.974 1.00 67.47 ? 42  GLY A N   1 
ATOM   244 C  CA  . GLY A 1 38 ? 1.642   1.177   -17.927 1.00 73.18 ? 42  GLY A CA  1 
ATOM   245 C  C   . GLY A 1 38 ? 2.887   1.654   -17.209 1.00 80.93 ? 42  GLY A C   1 
ATOM   246 O  O   . GLY A 1 38 ? 3.390   2.759   -17.466 1.00 88.60 ? 42  GLY A O   1 
ATOM   247 N  N   . SER A 1 39 ? 3.316   0.866   -16.226 1.00 75.04 ? 43  SER A N   1 
ATOM   248 C  CA  . SER A 1 39 ? 4.681   0.950   -15.719 1.00 64.82 ? 43  SER A CA  1 
ATOM   249 C  C   . SER A 1 39 ? 5.138   -0.476  -15.640 1.00 62.17 ? 43  SER A C   1 
ATOM   250 O  O   . SER A 1 39 ? 4.320   -1.401  -15.489 1.00 65.74 ? 43  SER A O   1 
ATOM   251 C  CB  . SER A 1 39 ? 4.770   1.659   -14.365 1.00 65.05 ? 43  SER A CB  1 
ATOM   252 O  OG  . SER A 1 39 ? 6.112   2.002   -14.081 1.00 59.24 ? 43  SER A OG  1 
ATOM   253 N  N   . ASN A 1 40 ? 6.431   -0.676  -15.819 1.00 62.06 ? 44  ASN A N   1 
ATOM   254 C  CA  . ASN A 1 40 ? 6.970   -2.025  -15.745 1.00 65.57 ? 44  ASN A CA  1 
ATOM   255 C  C   . ASN A 1 40 ? 7.598   -2.282  -14.388 1.00 62.10 ? 44  ASN A C   1 
ATOM   256 O  O   . ASN A 1 40 ? 8.081   -3.405  -14.170 1.00 55.39 ? 44  ASN A O   1 
ATOM   257 C  CB  . ASN A 1 40 ? 7.991   -2.269  -16.875 1.00 75.20 ? 44  ASN A CB  1 
ATOM   258 C  CG  . ASN A 1 40 ? 7.356   -2.212  -18.271 1.00 86.48 ? 44  ASN A CG  1 
ATOM   259 O  OD1 . ASN A 1 40 ? 6.266   -2.763  -18.524 1.00 88.76 ? 44  ASN A OD1 1 
ATOM   260 N  ND2 . ASN A 1 40 ? 8.041   -1.540  -19.188 1.00 96.31 ? 44  ASN A ND2 1 
ATOM   261 N  N   . THR A 1 41 ? 7.568   -1.262  -13.490 1.00 53.51 ? 45  THR A N   1 
ATOM   262 C  CA  . THR A 1 41 ? 8.348   -1.258  -12.248 1.00 50.24 ? 45  THR A CA  1 
ATOM   263 C  C   . THR A 1 41 ? 7.552   -0.826  -11.021 1.00 40.32 ? 45  THR A C   1 
ATOM   264 O  O   . THR A 1 41 ? 6.969   0.259   -10.984 1.00 36.57 ? 45  THR A O   1 
ATOM   265 C  CB  . THR A 1 41 ? 9.567   -0.328  -12.334 1.00 56.02 ? 45  THR A CB  1 
ATOM   266 O  OG1 . THR A 1 41 ? 10.167  -0.420  -13.634 1.00 62.49 ? 45  THR A OG1 1 
ATOM   267 C  CG2 . THR A 1 41 ? 10.606  -0.717  -11.262 1.00 58.00 ? 45  THR A CG2 1 
ATOM   268 N  N   . GLN A 1 42 ? 7.554   -1.674  -9.998  1.00 36.52 ? 46  GLN A N   1 
ATOM   269 C  CA  . GLN A 1 42 ? 6.841   -1.359  -8.790  1.00 31.74 ? 46  GLN A CA  1 
ATOM   270 C  C   . GLN A 1 42 ? 7.574   -0.322  -7.959  1.00 25.13 ? 46  GLN A C   1 
ATOM   271 O  O   . GLN A 1 42 ? 8.768   -0.178  -7.982  1.00 24.96 ? 46  GLN A O   1 
ATOM   272 C  CB  . GLN A 1 42 ? 6.595   -2.638  -7.953  1.00 33.25 ? 46  GLN A CB  1 
ATOM   273 C  CG  . GLN A 1 42 ? 7.831   -3.161  -7.280  1.00 33.26 ? 46  GLN A CG  1 
ATOM   274 C  CD  . GLN A 1 42 ? 7.640   -4.533  -6.667  1.00 39.00 ? 46  GLN A CD  1 
ATOM   275 O  OE1 . GLN A 1 42 ? 6.586   -5.117  -6.784  1.00 42.73 ? 46  GLN A OE1 1 
ATOM   276 N  NE2 . GLN A 1 42 ? 8.676   -5.035  -5.983  1.00 38.21 ? 46  GLN A NE2 1 
ATOM   277 N  N   . THR A 1 43 ? 6.831   0.295   -7.103  1.00 27.51 ? 47  THR A N   1 
ATOM   278 C  CA  . THR A 1 43 ? 7.342   1.207   -6.116  1.00 28.19 ? 47  THR A CA  1 
ATOM   279 C  C   . THR A 1 43 ? 6.899   0.735   -4.768  1.00 26.95 ? 47  THR A C   1 
ATOM   280 O  O   . THR A 1 43 ? 5.797   0.236   -4.660  1.00 24.45 ? 47  THR A O   1 
ATOM   281 C  CB  . THR A 1 43 ? 6.643   2.533   -6.462  1.00 29.74 ? 47  THR A CB  1 
ATOM   282 O  OG1 . THR A 1 43 ? 7.351   3.046   -7.573  1.00 42.08 ? 47  THR A OG1 1 
ATOM   283 C  CG2 . THR A 1 43 ? 6.631   3.512   -5.416  1.00 34.87 ? 47  THR A CG2 1 
ATOM   284 N  N   . VAL A 1 44 ? 7.687   1.030   -3.745  1.00 24.04 ? 48  VAL A N   1 
ATOM   285 C  CA  . VAL A 1 44 ? 7.336   0.745   -2.407  1.00 23.75 ? 48  VAL A CA  1 
ATOM   286 C  C   . VAL A 1 44 ? 6.840   2.009   -1.775  1.00 24.56 ? 48  VAL A C   1 
ATOM   287 O  O   . VAL A 1 44 ? 7.609   2.996   -1.656  1.00 23.11 ? 48  VAL A O   1 
ATOM   288 C  CB  . VAL A 1 44 ? 8.535   0.134   -1.617  1.00 23.56 ? 48  VAL A CB  1 
ATOM   289 C  CG1 . VAL A 1 44 ? 8.107   -0.143  -0.157  1.00 23.37 ? 48  VAL A CG1 1 
ATOM   290 C  CG2 . VAL A 1 44 ? 8.997   -1.154  -2.273  1.00 21.25 ? 48  VAL A CG2 1 
ATOM   291 N  N   . LEU A 1 45 ? 5.602   2.007   -1.298  1.00 22.22 ? 49  LEU A N   1 
ATOM   292 C  CA  . LEU A 1 45 ? 5.108   3.198   -0.639  1.00 21.03 ? 49  LEU A CA  1 
ATOM   293 C  C   . LEU A 1 45 ? 5.834   3.466   0.720   1.00 23.67 ? 49  LEU A C   1 
ATOM   294 O  O   . LEU A 1 45 ? 6.172   2.558   1.472   1.00 25.19 ? 49  LEU A O   1 
ATOM   295 C  CB  . LEU A 1 45 ? 3.590   3.175   -0.457  1.00 20.61 ? 49  LEU A CB  1 
ATOM   296 C  CG  . LEU A 1 45 ? 2.742   3.441   -1.687  1.00 26.13 ? 49  LEU A CG  1 
ATOM   297 C  CD1 . LEU A 1 45 ? 3.102   2.558   -2.824  1.00 30.49 ? 49  LEU A CD1 1 
ATOM   298 C  CD2 . LEU A 1 45 ? 1.296   3.144   -1.301  1.00 28.44 ? 49  LEU A CD2 1 
ATOM   299 N  N   . PRO A 1 46 ? 6.017   4.739   1.066   1.00 23.87 ? 50  PRO A N   1 
ATOM   300 C  CA  . PRO A 1 46 ? 6.803   5.182   2.220   1.00 25.01 ? 50  PRO A CA  1 
ATOM   301 C  C   . PRO A 1 46 ? 6.021   5.092   3.542   1.00 24.52 ? 50  PRO A C   1 
ATOM   302 O  O   . PRO A 1 46 ? 6.013   6.005   4.385   1.00 22.22 ? 50  PRO A O   1 
ATOM   303 C  CB  . PRO A 1 46 ? 7.155   6.625   1.824   1.00 26.93 ? 50  PRO A CB  1 
ATOM   304 C  CG  . PRO A 1 46 ? 5.964   7.087   1.024   1.00 25.98 ? 50  PRO A CG  1 
ATOM   305 C  CD  . PRO A 1 46 ? 5.639   5.880   0.187   1.00 26.23 ? 50  PRO A CD  1 
ATOM   306 N  N   . PHE A 1 47 ? 5.338   3.981   3.755   1.00 21.63 ? 51  PHE A N   1 
ATOM   307 C  CA  . PHE A 1 47 ? 4.839   3.738   5.065   1.00 22.17 ? 51  PHE A CA  1 
ATOM   308 C  C   . PHE A 1 47 ? 6.049   3.297   5.871   1.00 21.93 ? 51  PHE A C   1 
ATOM   309 O  O   . PHE A 1 47 ? 6.933   2.735   5.326   1.00 28.81 ? 51  PHE A O   1 
ATOM   310 C  CB  . PHE A 1 47 ? 3.819   2.620   5.113   1.00 21.70 ? 51  PHE A CB  1 
ATOM   311 C  CG  . PHE A 1 47 ? 2.516   2.961   4.494   1.00 20.00 ? 51  PHE A CG  1 
ATOM   312 C  CD1 . PHE A 1 47 ? 1.617   3.754   5.172   1.00 19.49 ? 51  PHE A CD1 1 
ATOM   313 C  CD2 . PHE A 1 47 ? 2.216   2.530   3.244   1.00 21.45 ? 51  PHE A CD2 1 
ATOM   314 C  CE1 . PHE A 1 47 ? 0.408   4.066   4.608   1.00 20.85 ? 51  PHE A CE1 1 
ATOM   315 C  CE2 . PHE A 1 47 ? 0.993   2.814   2.665   1.00 21.50 ? 51  PHE A CE2 1 
ATOM   316 C  CZ  . PHE A 1 47 ? 0.083   3.588   3.349   1.00 20.58 ? 51  PHE A CZ  1 
ATOM   317 N  N   . THR A 1 48 ? 5.949   3.407   7.171   1.00 22.98 ? 52  THR A N   1 
ATOM   318 C  CA  . THR A 1 48 ? 6.978   2.978   8.053   1.00 30.51 ? 52  THR A CA  1 
ATOM   319 C  C   . THR A 1 48 ? 6.404   2.213   9.286   1.00 23.48 ? 52  THR A C   1 
ATOM   320 O  O   . THR A 1 48 ? 5.312   2.461   9.810   1.00 26.29 ? 52  THR A O   1 
ATOM   321 C  CB  . THR A 1 48 ? 7.839   4.245   8.423   1.00 40.66 ? 52  THR A CB  1 
ATOM   322 O  OG1 . THR A 1 48 ? 9.240   3.888   8.523   1.00 46.45 ? 52  THR A OG1 1 
ATOM   323 C  CG2 . THR A 1 48 ? 7.249   4.998   9.670   1.00 40.82 ? 52  THR A CG2 1 
ATOM   324 N  N   . GLY A 1 49 ? 7.109   1.162   9.676   1.00 24.35 ? 53  GLY A N   1 
ATOM   325 C  CA  . GLY A 1 49 ? 6.760   0.419   10.883  1.00 21.49 ? 53  GLY A CA  1 
ATOM   326 C  C   . GLY A 1 49 ? 5.576   -0.544  10.719  1.00 20.60 ? 53  GLY A C   1 
ATOM   327 O  O   . GLY A 1 49 ? 4.952   -0.906  11.719  1.00 22.64 ? 53  GLY A O   1 
ATOM   328 N  N   . LEU A 1 50 ? 5.235   -0.955  9.496   1.00 20.60 ? 54  LEU A N   1 
ATOM   329 C  CA  . LEU A 1 50 ? 4.097   -1.839  9.321   1.00 21.06 ? 54  LEU A CA  1 
ATOM   330 C  C   . LEU A 1 50 ? 4.441   -3.242  9.850   1.00 20.55 ? 54  LEU A C   1 
ATOM   331 O  O   . LEU A 1 50 ? 5.591   -3.689  9.811   1.00 21.61 ? 54  LEU A O   1 
ATOM   332 C  CB  . LEU A 1 50 ? 3.643   -1.955  7.854   1.00 23.50 ? 54  LEU A CB  1 
ATOM   333 C  CG  . LEU A 1 50 ? 3.257   -0.627  7.166   1.00 24.91 ? 54  LEU A CG  1 
ATOM   334 C  CD1 . LEU A 1 50 ? 2.765   -0.857  5.772   1.00 22.68 ? 54  LEU A CD1 1 
ATOM   335 C  CD2 . LEU A 1 50 ? 2.218   0.139   7.957   1.00 24.36 ? 54  LEU A CD2 1 
ATOM   336 N  N   . ASN A 1 51 ? 3.415   -3.927  10.303  1.00 20.68 ? 55  ASN A N   1 
ATOM   337 C  CA  . ASN A 1 51 ? 3.525   -5.278  10.844  1.00 22.95 ? 55  ASN A CA  1 
ATOM   338 C  C   . ASN A 1 51 ? 2.447   -6.105  10.160  1.00 20.83 ? 55  ASN A C   1 
ATOM   339 O  O   . ASN A 1 51 ? 1.287   -5.941  10.476  1.00 21.84 ? 55  ASN A O   1 
ATOM   340 C  CB  . ASN A 1 51 ? 3.361   -5.115  12.353  1.00 28.04 ? 55  ASN A CB  1 
ATOM   341 C  CG  . ASN A 1 51 ? 3.633   -6.363  13.137  1.00 33.25 ? 55  ASN A CG  1 
ATOM   342 O  OD1 . ASN A 1 51 ? 3.502   -7.461  12.624  1.00 46.63 ? 55  ASN A OD1 1 
ATOM   343 N  ND2 . ASN A 1 51 ? 3.990   -6.205  14.414  1.00 36.27 ? 55  ASN A ND2 1 
ATOM   344 N  N   . THR A 1 52 ? 2.857   -6.975  9.225   1.00 19.81 ? 56  THR A N   1 
ATOM   345 C  CA  . THR A 1 52 ? 2.010   -7.898  8.512   1.00 22.54 ? 56  THR A CA  1 
ATOM   346 C  C   . THR A 1 52 ? 0.680   -7.253  8.053   1.00 20.44 ? 56  THR A C   1 
ATOM   347 O  O   . THR A 1 52 ? -0.399  -7.779  8.333   1.00 17.57 ? 56  THR A O   1 
ATOM   348 C  CB  . THR A 1 52 ? 1.670   -9.263  9.251   1.00 27.11 ? 56  THR A CB  1 
ATOM   349 O  OG1 . THR A 1 52 ? 1.126   -9.021  10.552  1.00 34.80 ? 56  THR A OG1 1 
ATOM   350 C  CG2 . THR A 1 52 ? 2.781   -10.150 9.332   1.00 30.21 ? 56  THR A CG2 1 
ATOM   351 N  N   . PRO A 1 53 ? 0.795   -6.175  7.255   1.00 19.05 ? 57  PRO A N   1 
ATOM   352 C  CA  . PRO A 1 53 ? -0.331  -5.381  6.840   1.00 18.13 ? 57  PRO A CA  1 
ATOM   353 C  C   . PRO A 1 53 ? -1.249  -6.242  6.052   1.00 18.09 ? 57  PRO A C   1 
ATOM   354 O  O   . PRO A 1 53 ? -0.759  -7.121  5.293   1.00 17.41 ? 57  PRO A O   1 
ATOM   355 C  CB  . PRO A 1 53 ? 0.327   -4.267  5.987   1.00 19.73 ? 57  PRO A CB  1 
ATOM   356 C  CG  . PRO A 1 53 ? 1.593   -4.854  5.497   1.00 19.75 ? 57  PRO A CG  1 
ATOM   357 C  CD  . PRO A 1 53 ? 2.061   -5.638  6.694   1.00 19.14 ? 57  PRO A CD  1 
ATOM   358 N  N   . SER A 1 54 ? -2.556  -5.996  6.198   1.00 18.73 ? 58  SER A N   1 
ATOM   359 C  CA  . SER A 1 54 ? -3.476  -6.915  5.566   1.00 23.51 ? 58  SER A CA  1 
ATOM   360 C  C   . SER A 1 54 ? -4.354  -6.337  4.506   1.00 25.61 ? 58  SER A C   1 
ATOM   361 O  O   . SER A 1 54 ? -4.508  -6.961  3.495   1.00 39.97 ? 58  SER A O   1 
ATOM   362 C  CB  . SER A 1 54 ? -4.270  -7.666  6.575   1.00 26.15 ? 58  SER A CB  1 
ATOM   363 O  OG  . SER A 1 54 ? -4.833  -6.697  7.404   1.00 38.69 ? 58  SER A OG  1 
ATOM   364 N  N   . GLY A 1 55 ? -5.022  -5.241  4.717   1.00 21.69 ? 59  GLY A N   1 
ATOM   365 C  CA  . GLY A 1 55 ? -5.888  -4.684  3.617   1.00 19.49 ? 59  GLY A CA  1 
ATOM   366 C  C   . GLY A 1 55 ? -5.392  -3.288  3.184   1.00 18.77 ? 59  GLY A C   1 
ATOM   367 O  O   . GLY A 1 55 ? -4.608  -2.638  3.922   1.00 18.39 ? 59  GLY A O   1 
ATOM   368 N  N   . VAL A 1 56 ? -5.840  -2.835  2.012   1.00 18.63 ? 60  VAL A N   1 
ATOM   369 C  CA  . VAL A 1 56 ? -5.490  -1.475  1.449   1.00 18.21 ? 60  VAL A CA  1 
ATOM   370 C  C   . VAL A 1 56 ? -6.717  -0.917  0.665   1.00 20.23 ? 60  VAL A C   1 
ATOM   371 O  O   . VAL A 1 56 ? -7.520  -1.688  0.090   1.00 18.37 ? 60  VAL A O   1 
ATOM   372 C  CB  . VAL A 1 56 ? -4.215  -1.575  0.538   1.00 21.86 ? 60  VAL A CB  1 
ATOM   373 C  CG1 . VAL A 1 56 ? -4.409  -2.569  -0.612  1.00 22.22 ? 60  VAL A CG1 1 
ATOM   374 C  CG2 . VAL A 1 56 ? -3.806  -0.226  0.001   1.00 22.96 ? 60  VAL A CG2 1 
ATOM   375 N  N   . ALA A 1 57 ? -6.887  0.392   0.681   1.00 20.72 ? 61  ALA A N   1 
ATOM   376 C  CA  . ALA A 1 57 ? -7.935  1.058   -0.095  1.00 19.44 ? 61  ALA A CA  1 
ATOM   377 C  C   . ALA A 1 57 ? -7.323  2.326   -0.569  1.00 20.38 ? 61  ALA A C   1 
ATOM   378 O  O   . ALA A 1 57 ? -6.337  2.807   0.028   1.00 20.44 ? 61  ALA A O   1 
ATOM   379 C  CB  . ALA A 1 57 ? -9.100  1.366   0.821   1.00 22.34 ? 61  ALA A CB  1 
ATOM   380 N  N   . VAL A 1 58 ? -7.910  2.938   -1.613  1.00 21.40 ? 62  VAL A N   1 
ATOM   381 C  CA  . VAL A 1 58 ? -7.422  4.220   -2.129  1.00 21.64 ? 62  VAL A CA  1 
ATOM   382 C  C   . VAL A 1 58 ? -8.656  5.077   -2.448  1.00 23.88 ? 62  VAL A C   1 
ATOM   383 O  O   . VAL A 1 58 ? -9.614  4.569   -3.044  1.00 22.78 ? 62  VAL A O   1 
ATOM   384 C  CB  . VAL A 1 58 ? -6.466  4.012   -3.316  1.00 24.09 ? 62  VAL A CB  1 
ATOM   385 C  CG1 . VAL A 1 58 ? -7.157  3.261   -4.440  1.00 29.48 ? 62  VAL A CG1 1 
ATOM   386 C  CG2 . VAL A 1 58 ? -5.935  5.375   -3.809  1.00 24.10 ? 62  VAL A CG2 1 
ATOM   387 N  N   . ASP A 1 59 ? -8.707  6.293   -1.897  1.00 25.06 ? 63  ASP A N   1 
ATOM   388 C  CA  . ASP A 1 59 ? -9.847  7.202   -2.142  1.00 28.20 ? 63  ASP A CA  1 
ATOM   389 C  C   . ASP A 1 59 ? -9.656  7.970   -3.461  1.00 29.77 ? 63  ASP A C   1 
ATOM   390 O  O   . ASP A 1 59 ? -8.673  7.721   -4.268  1.00 28.36 ? 63  ASP A O   1 
ATOM   391 C  CB  . ASP A 1 59 ? -10.160 8.110   -0.949  1.00 27.39 ? 63  ASP A CB  1 
ATOM   392 C  CG  . ASP A 1 59 ? -9.138  9.211   -0.711  1.00 26.55 ? 63  ASP A CG  1 
ATOM   393 O  OD1 . ASP A 1 59 ? -8.277  9.525   -1.578  1.00 29.63 ? 63  ASP A OD1 1 
ATOM   394 O  OD2 . ASP A 1 59 ? -9.196  9.740   0.412   1.00 24.73 ? 63  ASP A OD2 1 
ATOM   395 N  N   . SER A 1 60 ? -10.621 8.834   -3.743  1.00 31.06 ? 64  SER A N   1 
ATOM   396 C  CA  . SER A 1 60 ? -10.629 9.530   -5.054  1.00 34.97 ? 64  SER A CA  1 
ATOM   397 C  C   . SER A 1 60 ? -9.505  10.546  -5.175  1.00 33.36 ? 64  SER A C   1 
ATOM   398 O  O   . SER A 1 60 ? -9.099  10.823  -6.298  1.00 42.93 ? 64  SER A O   1 
ATOM   399 C  CB  . SER A 1 60 ? -12.001 10.206  -5.354  1.00 32.67 ? 64  SER A CB  1 
ATOM   400 O  OG  . SER A 1 60 ? -12.227 11.168  -4.373  1.00 31.50 ? 64  SER A OG  1 
ATOM   401 N  N   . ALA A 1 61 ? -8.974  11.039  -4.047  1.00 29.13 ? 65  ALA A N   1 
ATOM   402 C  CA  . ALA A 1 61 ? -7.769  11.857  -4.098  1.00 26.86 ? 65  ALA A CA  1 
ATOM   403 C  C   . ALA A 1 61 ? -6.471  11.164  -4.087  1.00 28.18 ? 65  ALA A C   1 
ATOM   404 O  O   . ALA A 1 61 ? -5.454  11.840  -3.994  1.00 28.95 ? 65  ALA A O   1 
ATOM   405 C  CB  . ALA A 1 61 ? -7.751  12.861  -2.982  1.00 27.53 ? 65  ALA A CB  1 
ATOM   406 N  N   . GLY A 1 62 ? -6.469  9.832   -4.129  1.00 25.20 ? 66  GLY A N   1 
ATOM   407 C  CA  . GLY A 1 62 ? -5.242  9.064   -4.208  1.00 25.73 ? 66  GLY A CA  1 
ATOM   408 C  C   . GLY A 1 62 ? -4.636  8.811   -2.849  1.00 23.58 ? 66  GLY A C   1 
ATOM   409 O  O   . GLY A 1 62 ? -3.564  8.301   -2.787  1.00 22.55 ? 66  GLY A O   1 
ATOM   410 N  N   . THR A 1 63 ? -5.343  9.131   -1.787  1.00 22.62 ? 67  THR A N   1 
ATOM   411 C  CA  . THR A 1 63 ? -4.922  8.763   -0.468  1.00 24.05 ? 67  THR A CA  1 
ATOM   412 C  C   . THR A 1 63 ? -5.069  7.267   -0.234  1.00 22.75 ? 67  THR A C   1 
ATOM   413 O  O   . THR A 1 63 ? -6.109  6.680   -0.558  1.00 22.61 ? 67  THR A O   1 
ATOM   414 C  CB  . THR A 1 63 ? -5.690  9.533   0.594   1.00 27.09 ? 67  THR A CB  1 
ATOM   415 O  OG1 . THR A 1 63 ? -5.517  10.935  0.336   1.00 30.29 ? 67  THR A OG1 1 
ATOM   416 C  CG2 . THR A 1 63 ? -5.220  9.183   2.017   1.00 25.35 ? 67  THR A CG2 1 
ATOM   417 N  N   . VAL A 1 64 ? -4.031  6.675   0.349   1.00 23.16 ? 68  VAL A N   1 
ATOM   418 C  CA  . VAL A 1 64 ? -3.928  5.223   0.507   1.00 21.29 ? 68  VAL A CA  1 
ATOM   419 C  C   . VAL A 1 64 ? -4.042  4.916   1.983   1.00 21.35 ? 68  VAL A C   1 
ATOM   420 O  O   . VAL A 1 64 ? -3.326  5.509   2.793   1.00 19.97 ? 68  VAL A O   1 
ATOM   421 C  CB  . VAL A 1 64 ? -2.563  4.724   0.018   1.00 21.68 ? 68  VAL A CB  1 
ATOM   422 C  CG1 . VAL A 1 64 ? -2.432  3.238   0.152   1.00 21.36 ? 68  VAL A CG1 1 
ATOM   423 C  CG2 . VAL A 1 64 ? -2.340  5.122   -1.436  1.00 25.17 ? 68  VAL A CG2 1 
ATOM   424 N  N   . TYR A 1 65 ? -4.896  3.948   2.294   1.00 19.02 ? 69  TYR A N   1 
ATOM   425 C  CA  . TYR A 1 65 ? -5.305  3.515   3.656   1.00 20.29 ? 69  TYR A CA  1 
ATOM   426 C  C   . TYR A 1 65 ? -4.947  2.043   3.833   1.00 21.42 ? 69  TYR A C   1 
ATOM   427 O  O   . TYR A 1 65 ? -5.222  1.262   2.958   1.00 20.38 ? 69  TYR A O   1 
ATOM   428 C  CB  . TYR A 1 65 ? -6.834  3.626   3.830   1.00 21.33 ? 69  TYR A CB  1 
ATOM   429 C  CG  . TYR A 1 65 ? -7.383  5.023   3.632   1.00 22.88 ? 69  TYR A CG  1 
ATOM   430 C  CD1 . TYR A 1 65 ? -7.671  5.488   2.357   1.00 23.84 ? 69  TYR A CD1 1 
ATOM   431 C  CD2 . TYR A 1 65 ? -7.584  5.887   4.708   1.00 25.71 ? 69  TYR A CD2 1 
ATOM   432 C  CE1 . TYR A 1 65 ? -8.153  6.774   2.137   1.00 24.86 ? 69  TYR A CE1 1 
ATOM   433 C  CE2 . TYR A 1 65 ? -8.059  7.196   4.487   1.00 28.74 ? 69  TYR A CE2 1 
ATOM   434 C  CZ  . TYR A 1 65 ? -8.353  7.626   3.196   1.00 26.84 ? 69  TYR A CZ  1 
ATOM   435 O  OH  . TYR A 1 65 ? -8.861  8.912   2.948   1.00 27.46 ? 69  TYR A OH  1 
ATOM   436 N  N   . VAL A 1 66 ? -4.317  1.696   4.955   1.00 23.07 ? 70  VAL A N   1 
ATOM   437 C  CA  . VAL A 1 66 ? -3.803  0.352   5.166   1.00 21.08 ? 70  VAL A CA  1 
ATOM   438 C  C   . VAL A 1 66 ? -4.167  -0.058  6.571   1.00 20.83 ? 70  VAL A C   1 
ATOM   439 O  O   . VAL A 1 66 ? -3.946  0.688   7.515   1.00 19.26 ? 70  VAL A O   1 
ATOM   440 C  CB  . VAL A 1 66 ? -2.305  0.355   5.065   1.00 23.28 ? 70  VAL A CB  1 
ATOM   441 C  CG1 . VAL A 1 66 ? -1.758  -1.043  5.306   1.00 21.94 ? 70  VAL A CG1 1 
ATOM   442 C  CG2 . VAL A 1 66 ? -1.910  0.752   3.667   1.00 26.34 ? 70  VAL A CG2 1 
ATOM   443 N  N   . THR A 1 67 ? -4.682  -1.275  6.715   1.00 20.94 ? 71  THR A N   1 
ATOM   444 C  CA  . THR A 1 67 ? -4.867  -1.894  8.009   1.00 21.56 ? 71  THR A CA  1 
ATOM   445 C  C   . THR A 1 67 ? -3.574  -2.532  8.407   1.00 20.95 ? 71  THR A C   1 
ATOM   446 O  O   . THR A 1 67 ? -3.174  -3.522  7.842   1.00 21.01 ? 71  THR A O   1 
ATOM   447 C  CB  . THR A 1 67 ? -6.026  -2.917  8.017   1.00 23.25 ? 71  THR A CB  1 
ATOM   448 O  OG1 . THR A 1 67 ? -6.054  -3.630  6.778   1.00 28.57 ? 71  THR A OG1 1 
ATOM   449 C  CG2 . THR A 1 67 ? -7.277  -2.168  8.086   1.00 22.68 ? 71  THR A CG2 1 
ATOM   450 N  N   . ASP A 1 68 ? -2.915  -1.903  9.375   1.00 19.68 ? 72  ASP A N   1 
ATOM   451 C  CA  . ASP A 1 68 ? -1.600  -2.353  9.888   1.00 19.15 ? 72  ASP A CA  1 
ATOM   452 C  C   . ASP A 1 68 ? -1.865  -3.454  10.952  1.00 18.26 ? 72  ASP A C   1 
ATOM   453 O  O   . ASP A 1 68 ? -1.910  -3.215  12.192  1.00 19.74 ? 72  ASP A O   1 
ATOM   454 C  CB  . ASP A 1 68 ? -0.828  -1.187  10.469  1.00 18.98 ? 72  ASP A CB  1 
ATOM   455 C  CG  . ASP A 1 68 ? 0.566   -1.548  10.870  1.00 18.13 ? 72  ASP A CG  1 
ATOM   456 O  OD1 . ASP A 1 68 ? 0.994   -2.624  10.476  1.00 22.22 ? 72  ASP A OD1 1 
ATOM   457 O  OD2 . ASP A 1 68 ? 1.316   -0.702  11.469  1.00 21.74 ? 72  ASP A OD2 1 
ATOM   458 N  N   . HIS A 1 69 ? -2.131  -4.640  10.419  1.00 17.98 ? 73  HIS A N   1 
ATOM   459 C  CA  . HIS A 1 69 ? -2.782  -5.742  11.159  1.00 17.53 ? 73  HIS A CA  1 
ATOM   460 C  C   . HIS A 1 69 ? -2.085  -6.051  12.472  1.00 16.85 ? 73  HIS A C   1 
ATOM   461 O  O   . HIS A 1 69 ? -2.693  -6.059  13.562  1.00 17.66 ? 73  HIS A O   1 
ATOM   462 C  CB  . HIS A 1 69 ? -2.751  -6.905  10.184  1.00 17.09 ? 73  HIS A CB  1 
ATOM   463 C  CG  . HIS A 1 69 ? -3.253  -8.214  10.682  1.00 14.99 ? 73  HIS A CG  1 
ATOM   464 N  ND1 . HIS A 1 69 ? -4.593  -8.526  10.770  1.00 15.37 ? 73  HIS A ND1 1 
ATOM   465 C  CD2 . HIS A 1 69 ? -2.581  -9.380  10.868  1.00 15.57 ? 73  HIS A CD2 1 
ATOM   466 C  CE1 . HIS A 1 69 ? -4.720  -9.807  11.100  1.00 15.52 ? 73  HIS A CE1 1 
ATOM   467 N  NE2 . HIS A 1 69 ? -3.510  -10.353 11.109  1.00 15.91 ? 73  HIS A NE2 1 
ATOM   468 N  N   . GLY A 1 70 ? -0.789  -6.212  12.395  1.00 16.87 ? 74  GLY A N   1 
ATOM   469 C  CA  . GLY A 1 70 ? 0.040   -6.562  13.589  1.00 17.85 ? 74  GLY A CA  1 
ATOM   470 C  C   . GLY A 1 70 ? 0.205   -5.502  14.658  1.00 20.88 ? 74  GLY A C   1 
ATOM   471 O  O   . GLY A 1 70 ? 0.537   -5.818  15.799  1.00 23.17 ? 74  GLY A O   1 
ATOM   472 N  N   . ASN A 1 71 ? -0.077  -4.249  14.293  1.00 20.20 ? 75  ASN A N   1 
ATOM   473 C  CA  . ASN A 1 71 ? 0.014   -3.116  15.205  1.00 18.27 ? 75  ASN A CA  1 
ATOM   474 C  C   . ASN A 1 71 ? -1.321  -2.641  15.555  1.00 20.34 ? 75  ASN A C   1 
ATOM   475 O  O   . ASN A 1 71 ? -1.444  -1.625  16.189  1.00 19.26 ? 75  ASN A O   1 
ATOM   476 C  CB  . ASN A 1 71 ? 0.866   -1.999  14.577  1.00 20.64 ? 75  ASN A CB  1 
ATOM   477 C  CG  . ASN A 1 71 ? 2.302   -2.371  14.486  1.00 20.65 ? 75  ASN A CG  1 
ATOM   478 O  OD1 . ASN A 1 71 ? 2.827   -2.989  15.401  1.00 22.68 ? 75  ASN A OD1 1 
ATOM   479 N  ND2 . ASN A 1 71 ? 2.977   -1.968  13.452  1.00 21.47 ? 75  ASN A ND2 1 
ATOM   480 N  N   . ASN A 1 72 ? -2.387  -3.385  15.215  1.00 19.14 ? 76  ASN A N   1 
ATOM   481 C  CA  . ASN A 1 72 ? -3.707  -3.008  15.712  1.00 19.99 ? 76  ASN A CA  1 
ATOM   482 C  C   . ASN A 1 72 ? -4.124  -1.555  15.379  1.00 21.39 ? 76  ASN A C   1 
ATOM   483 O  O   . ASN A 1 72 ? -4.760  -0.870  16.182  1.00 22.53 ? 76  ASN A O   1 
ATOM   484 C  CB  . ASN A 1 72 ? -3.792  -3.298  17.207  1.00 19.07 ? 76  ASN A CB  1 
ATOM   485 C  CG  . ASN A 1 72 ? -3.485  -4.758  17.512  1.00 23.92 ? 76  ASN A CG  1 
ATOM   486 O  OD1 . ASN A 1 72 ? -4.194  -5.666  17.099  1.00 24.91 ? 76  ASN A OD1 1 
ATOM   487 N  ND2 . ASN A 1 72 ? -2.375  -4.988  18.152  1.00 24.17 ? 76  ASN A ND2 1 
ATOM   488 N  N   . ARG A 1 73 ? -3.807  -1.103  14.169  1.00 20.88 ? 77  ARG A N   1 
ATOM   489 C  CA  . ARG A 1 73 ? -4.045  0.274   13.809  1.00 19.71 ? 77  ARG A CA  1 
ATOM   490 C  C   . ARG A 1 73 ? -4.250  0.393   12.287  1.00 20.82 ? 77  ARG A C   1 
ATOM   491 O  O   . ARG A 1 73 ? -4.007  -0.525  11.510  1.00 20.59 ? 77  ARG A O   1 
ATOM   492 C  CB  . ARG A 1 73 ? -2.851  1.183   14.233  1.00 20.97 ? 77  ARG A CB  1 
ATOM   493 C  CG  . ARG A 1 73 ? -1.623  0.968   13.338  1.00 20.24 ? 77  ARG A CG  1 
ATOM   494 C  CD  . ARG A 1 73 ? -0.380  1.578   13.978  1.00 21.20 ? 77  ARG A CD  1 
ATOM   495 N  NE  . ARG A 1 73 ? 0.731   1.348   13.083  1.00 19.97 ? 77  ARG A NE  1 
ATOM   496 C  CZ  . ARG A 1 73 ? 1.845   2.058   13.089  1.00 24.29 ? 77  ARG A CZ  1 
ATOM   497 N  NH1 . ARG A 1 73 ? 2.017   3.084   13.950  1.00 25.60 ? 77  ARG A NH1 1 
ATOM   498 N  NH2 . ARG A 1 73 ? 2.794   1.747   12.244  1.00 23.28 ? 77  ARG A NH2 1 
ATOM   499 N  N   . VAL A 1 74 ? -4.709  1.572   11.899  1.00 20.19 ? 78  VAL A N   1 
ATOM   500 C  CA  . VAL A 1 74 ? -4.981  1.944   10.536  1.00 21.92 ? 78  VAL A CA  1 
ATOM   501 C  C   . VAL A 1 74 ? -4.120  3.149   10.258  1.00 21.42 ? 78  VAL A C   1 
ATOM   502 O  O   . VAL A 1 74 ? -4.097  4.092   11.080  1.00 23.72 ? 78  VAL A O   1 
ATOM   503 C  CB  . VAL A 1 74 ? -6.487  2.304   10.346  1.00 22.92 ? 78  VAL A CB  1 
ATOM   504 C  CG1 . VAL A 1 74 ? -6.803  2.633   8.901   1.00 23.61 ? 78  VAL A CG1 1 
ATOM   505 C  CG2 . VAL A 1 74 ? -7.399  1.159   10.827  1.00 25.40 ? 78  VAL A CG2 1 
ATOM   506 N  N   . VAL A 1 75 ? -3.475  3.160   9.093   1.00 23.09 ? 79  VAL A N   1 
ATOM   507 C  CA  . VAL A 1 75 ? -2.568  4.229   8.672   1.00 22.28 ? 79  VAL A CA  1 
ATOM   508 C  C   . VAL A 1 75 ? -2.941  4.715   7.255   1.00 23.89 ? 79  VAL A C   1 
ATOM   509 O  O   . VAL A 1 75 ? -3.520  3.968   6.393   1.00 19.61 ? 79  VAL A O   1 
ATOM   510 C  CB  . VAL A 1 75 ? -1.045  3.849   8.654   1.00 23.24 ? 79  VAL A CB  1 
ATOM   511 C  CG1 . VAL A 1 75 ? -0.567  3.476   10.035  1.00 26.88 ? 79  VAL A CG1 1 
ATOM   512 C  CG2 . VAL A 1 75 ? -0.757  2.660   7.825   1.00 26.21 ? 79  VAL A CG2 1 
ATOM   513 N  N   . LYS A 1 76 ? -2.577  5.960   7.005   1.00 21.05 ? 80  LYS A N   1 
ATOM   514 C  CA  . LYS A 1 76 ? -2.831  6.542   5.702   1.00 24.60 ? 80  LYS A CA  1 
ATOM   515 C  C   . LYS A 1 76 ? -1.740  7.420   5.228   1.00 23.65 ? 80  LYS A C   1 
ATOM   516 O  O   . LYS A 1 76 ? -1.021  7.985   6.052   1.00 22.65 ? 80  LYS A O   1 
ATOM   517 C  CB  . LYS A 1 76 ? -4.134  7.301   5.684   1.00 27.18 ? 80  LYS A CB  1 
ATOM   518 C  CG  . LYS A 1 76 ? -4.160  8.574   6.426   1.00 28.06 ? 80  LYS A CG  1 
ATOM   519 C  CD  . LYS A 1 76 ? -5.431  9.327   6.057   1.00 28.78 ? 80  LYS A CD  1 
ATOM   520 C  CE  . LYS A 1 76 ? -5.474  10.638  6.828   1.00 33.25 ? 80  LYS A CE  1 
ATOM   521 N  NZ  . LYS A 1 76 ? -6.745  11.381  6.613   1.00 36.44 ? 80  LYS A NZ  1 
ATOM   522 N  N   . LEU A 1 77 ? -1.600  7.465   3.901   1.00 24.48 ? 81  LEU A N   1 
ATOM   523 C  CA  . LEU A 1 77 ? -0.697  8.357   3.197   1.00 26.54 ? 81  LEU A CA  1 
ATOM   524 C  C   . LEU A 1 77 ? -1.399  9.097   2.066   1.00 23.60 ? 81  LEU A C   1 
ATOM   525 O  O   . LEU A 1 77 ? -1.886  8.471   1.129   1.00 21.99 ? 81  LEU A O   1 
ATOM   526 C  CB  . LEU A 1 77 ? 0.399   7.611   2.502   1.00 26.99 ? 81  LEU A CB  1 
ATOM   527 C  CG  . LEU A 1 77 ? 1.763   7.412   3.043   1.00 29.61 ? 81  LEU A CG  1 
ATOM   528 C  CD1 . LEU A 1 77 ? 2.539   6.668   1.946   1.00 29.06 ? 81  LEU A CD1 1 
ATOM   529 C  CD2 . LEU A 1 77 ? 2.427   8.688   3.519   1.00 24.81 ? 81  LEU A CD2 1 
ATOM   530 N  N   . ALA A 1 78 ? -1.366  10.425  2.139   1.00 26.35 ? 82  ALA A N   1 
ATOM   531 C  CA  . ALA A 1 78 ? -1.799  11.294  1.018   1.00 26.17 ? 82  ALA A CA  1 
ATOM   532 C  C   . ALA A 1 78 ? -0.917  11.110  -0.159  1.00 26.79 ? 82  ALA A C   1 
ATOM   533 O  O   . ALA A 1 78 ? 0.250   10.803  -0.003  1.00 28.36 ? 82  ALA A O   1 
ATOM   534 C  CB  . ALA A 1 78 ? -1.783  12.748  1.455   1.00 27.51 ? 82  ALA A CB  1 
ATOM   535 N  N   . ALA A 1 79 ? -1.473  11.239  -1.368  1.00 26.96 ? 83  ALA A N   1 
ATOM   536 C  CA  . ALA A 1 79 ? -0.684  11.105  -2.583  1.00 29.67 ? 83  ALA A CA  1 
ATOM   537 C  C   . ALA A 1 79 ? 0.436   12.125  -2.562  1.00 33.26 ? 83  ALA A C   1 
ATOM   538 O  O   . ALA A 1 79 ? 0.264   13.246  -2.085  1.00 34.28 ? 83  ALA A O   1 
ATOM   539 C  CB  . ALA A 1 79 ? -1.562  11.339  -3.812  1.00 34.92 ? 83  ALA A CB  1 
ATOM   540 N  N   . GLY A 1 80 ? 1.625   11.706  -2.947  1.00 34.45 ? 84  GLY A N   1 
ATOM   541 C  CA  . GLY A 1 80 ? 2.785   12.584  -2.818  1.00 37.22 ? 84  GLY A CA  1 
ATOM   542 C  C   . GLY A 1 80 ? 3.423   12.750  -1.462  1.00 34.27 ? 84  GLY A C   1 
ATOM   543 O  O   . GLY A 1 80 ? 4.538   13.264  -1.393  1.00 36.85 ? 84  GLY A O   1 
ATOM   544 N  N   . SER A 1 81 ? 2.746   12.332  -0.394  1.00 28.46 ? 85  SER A N   1 
ATOM   545 C  CA  . SER A 1 81 ? 3.284   12.527  0.919   1.00 27.87 ? 85  SER A CA  1 
ATOM   546 C  C   . SER A 1 81 ? 4.257   11.382  1.264   1.00 27.78 ? 85  SER A C   1 
ATOM   547 O  O   . SER A 1 81 ? 4.149   10.256  0.732   1.00 25.25 ? 85  SER A O   1 
ATOM   548 C  CB  . SER A 1 81 ? 2.185   12.596  1.918   1.00 28.69 ? 85  SER A CB  1 
ATOM   549 O  OG  . SER A 1 81 ? 2.751   12.552  3.185   1.00 31.19 ? 85  SER A OG  1 
ATOM   550 N  N   . ASN A 1 82 ? 5.244   11.699  2.099   1.00 27.75 ? 86  ASN A N   1 
ATOM   551 C  CA  . ASN A 1 82 ? 6.192   10.710  2.629   1.00 26.95 ? 86  ASN A CA  1 
ATOM   552 C  C   . ASN A 1 82 ? 5.980   10.496  4.114   1.00 26.20 ? 86  ASN A C   1 
ATOM   553 O  O   . ASN A 1 82 ? 6.698   9.735   4.748   1.00 27.29 ? 86  ASN A O   1 
ATOM   554 C  CB  . ASN A 1 82 ? 7.636   11.099  2.347   1.00 27.90 ? 86  ASN A CB  1 
ATOM   555 C  CG  . ASN A 1 82 ? 8.008   10.930  0.893   1.00 30.47 ? 86  ASN A CG  1 
ATOM   556 O  OD1 . ASN A 1 82 ? 7.685   9.944   0.237   1.00 37.90 ? 86  ASN A OD1 1 
ATOM   557 N  ND2 . ASN A 1 82 ? 8.699   11.882  0.381   1.00 32.84 ? 86  ASN A ND2 1 
ATOM   558 N  N   . THR A 1 83 ? 4.957   11.079  4.682   1.00 27.90 ? 87  THR A N   1 
ATOM   559 C  CA  . THR A 1 83 ? 4.746   10.902  6.126   1.00 33.33 ? 87  THR A CA  1 
ATOM   560 C  C   . THR A 1 83 ? 3.304   10.405  6.384   1.00 28.06 ? 87  THR A C   1 
ATOM   561 O  O   . THR A 1 83 ? 2.336   11.065  6.034   1.00 27.01 ? 87  THR A O   1 
ATOM   562 C  CB  . THR A 1 83 ? 5.253   12.135  6.933   1.00 44.12 ? 87  THR A CB  1 
ATOM   563 O  OG1 . THR A 1 83 ? 4.243   12.597  7.844   1.00 49.72 ? 87  THR A OG1 1 
ATOM   564 C  CG2 . THR A 1 83 ? 5.655   13.292  6.039   1.00 41.55 ? 87  THR A CG2 1 
ATOM   565 N  N   . GLN A 1 84 ? 3.191   9.149   6.845   1.00 24.46 ? 88  GLN A N   1 
ATOM   566 C  CA  . GLN A 1 84 ? 1.906   8.516   7.122   1.00 26.78 ? 88  GLN A CA  1 
ATOM   567 C  C   . GLN A 1 84 ? 1.243   9.177   8.312   1.00 26.66 ? 88  GLN A C   1 
ATOM   568 O  O   . GLN A 1 84 ? 1.907   9.729   9.134   1.00 22.74 ? 88  GLN A O   1 
ATOM   569 C  CB  . GLN A 1 84 ? 2.055   7.017   7.404   1.00 28.09 ? 88  GLN A CB  1 
ATOM   570 C  CG  . GLN A 1 84 ? 2.795   6.715   8.722   1.00 33.17 ? 88  GLN A CG  1 
ATOM   571 C  CD  . GLN A 1 84 ? 3.326   5.286   8.776   1.00 41.54 ? 88  GLN A CD  1 
ATOM   572 O  OE1 . GLN A 1 84 ? 3.725   4.726   7.724   1.00 41.12 ? 88  GLN A OE1 1 
ATOM   573 N  NE2 . GLN A 1 84 ? 3.346   4.685   9.988   1.00 36.32 ? 88  GLN A NE2 1 
ATOM   574 N  N   . THR A 1 85 ? -0.051  9.018   8.431   1.00 25.04 ? 89  THR A N   1 
ATOM   575 C  CA  . THR A 1 85 ? -0.798  9.432   9.613   1.00 28.83 ? 89  THR A CA  1 
ATOM   576 C  C   . THR A 1 85 ? -1.474  8.198   10.209  1.00 25.41 ? 89  THR A C   1 
ATOM   577 O  O   . THR A 1 85 ? -2.032  7.419   9.445   1.00 25.07 ? 89  THR A O   1 
ATOM   578 C  CB  . THR A 1 85 ? -1.932  10.332  9.132   1.00 27.80 ? 89  THR A CB  1 
ATOM   579 O  OG1 . THR A 1 85 ? -1.327  11.466  8.547   1.00 36.42 ? 89  THR A OG1 1 
ATOM   580 C  CG2 . THR A 1 85 ? -2.789  10.758  10.258  1.00 31.99 ? 89  THR A CG2 1 
ATOM   581 N  N   . VAL A 1 86 ? -1.500  8.052   11.535  1.00 24.92 ? 90  VAL A N   1 
ATOM   582 C  CA  . VAL A 1 86 ? -2.182  6.947   12.143  1.00 25.31 ? 90  VAL A CA  1 
ATOM   583 C  C   . VAL A 1 86 ? -3.602  7.410   12.450  1.00 29.48 ? 90  VAL A C   1 
ATOM   584 O  O   . VAL A 1 86 ? -3.795  8.439   13.119  1.00 29.16 ? 90  VAL A O   1 
ATOM   585 C  CB  . VAL A 1 86 ? -1.453  6.454   13.420  1.00 29.65 ? 90  VAL A CB  1 
ATOM   586 C  CG1 . VAL A 1 86 ? -2.197  5.260   14.012  1.00 29.02 ? 90  VAL A CG1 1 
ATOM   587 C  CG2 . VAL A 1 86 ? -0.026  6.053   13.097  1.00 29.43 ? 90  VAL A CG2 1 
ATOM   588 N  N   . LEU A 1 87 ? -4.594  6.680   11.968  1.00 27.61 ? 91  LEU A N   1 
ATOM   589 C  CA  . LEU A 1 87 ? -5.980  7.052   12.149  1.00 30.56 ? 91  LEU A CA  1 
ATOM   590 C  C   . LEU A 1 87 ? -6.515  6.706   13.546  1.00 36.18 ? 91  LEU A C   1 
ATOM   591 O  O   . LEU A 1 87 ? -6.006  6.002   14.411  1.00 37.58 ? 91  LEU A O   1 
ATOM   592 C  CB  . LEU A 1 87 ? -6.908  6.450   11.084  1.00 29.04 ? 91  LEU A CB  1 
ATOM   593 C  CG  . LEU A 1 87 ? -6.797  6.929   9.639   1.00 33.84 ? 91  LEU A CG  1 
ATOM   594 C  CD1 . LEU A 1 87 ? -7.950  6.374   8.822   1.00 28.58 ? 91  LEU A CD1 1 
ATOM   595 C  CD2 . LEU A 1 87 ? -6.853  8.436   9.532   1.00 40.85 ? 91  LEU A CD2 1 
ATOM   596 O  OXT . LEU A 1 87 ? -7.560  7.224   13.863  1.00 44.91 ? 91  LEU A OXT 1 
HETATM 597 CD CD  . CD  B 2 .  ? -0.413  -13.899 8.015   1.00 16.09 ? 101 CD  A CD  1 
HETATM 598 CL CL  . CL  C 3 .  ? -0.807  -12.496 10.077  0.50 18.00 ? 102 CL  A CL  1 
HETATM 599 CL CL  . CL  D 3 .  ? -0.125  -15.490 5.813   0.50 16.95 ? 103 CL  A CL  1 
HETATM 600 O  O   . HOH E 4 .  ? -2.262  6.297   -9.616  1.00 44.03 ? 201 HOH A O   1 
HETATM 601 O  O   . HOH E 4 .  ? -2.112  7.434   -4.669  1.00 23.67 ? 202 HOH A O   1 
HETATM 602 O  O   . HOH E 4 .  ? 4.345   -4.853  -15.287 1.00 53.33 ? 203 HOH A O   1 
HETATM 603 O  O   . HOH E 4 .  ? -7.810  11.864  1.065   1.00 30.69 ? 204 HOH A O   1 
HETATM 604 O  O   . HOH E 4 .  ? -4.543  -1.392  -13.963 1.00 41.13 ? 205 HOH A O   1 
HETATM 605 O  O   . HOH E 4 .  ? -4.225  12.115  -1.618  1.00 25.05 ? 206 HOH A O   1 
HETATM 606 O  O   . HOH E 4 .  ? 5.351   0.244   2.441   1.00 17.92 ? 207 HOH A O   1 
HETATM 607 O  O   . HOH E 4 .  ? 4.780   1.913   -10.703 1.00 36.82 ? 208 HOH A O   1 
HETATM 608 O  O   . HOH E 4 .  ? 2.973   8.910   -1.253  1.00 28.01 ? 209 HOH A O   1 
HETATM 609 O  O   . HOH E 4 .  ? 0.845   6.753   -8.518  1.00 45.90 ? 210 HOH A O   1 
HETATM 610 O  O   . HOH E 4 .  ? 6.710   -0.897  6.852   1.00 27.62 ? 211 HOH A O   1 
HETATM 611 O  O   . HOH E 4 .  ? -0.636  -3.106  19.051  1.00 41.60 ? 212 HOH A O   1 
HETATM 612 O  O   . HOH E 4 .  ? -5.571  3.336   14.038  1.00 21.58 ? 213 HOH A O   1 
HETATM 613 O  O   . HOH E 4 .  ? 8.077   5.493   -2.686  1.00 33.13 ? 214 HOH A O   1 
HETATM 614 O  O   . HOH E 4 .  ? 8.210   -2.804  9.369   1.00 29.78 ? 215 HOH A O   1 
HETATM 615 O  O   . HOH E 4 .  ? 2.231   -2.829  18.139  1.00 43.41 ? 216 HOH A O   1 
HETATM 616 O  O   . HOH E 4 .  ? -10.396 2.345   -11.927 1.00 42.85 ? 217 HOH A O   1 
HETATM 617 O  O   . HOH E 4 .  ? 8.371   7.027   5.541   1.00 34.21 ? 218 HOH A O   1 
HETATM 618 O  O   . HOH E 4 .  ? -6.618  0.563   17.774  1.00 38.33 ? 219 HOH A O   1 
HETATM 619 O  O   . HOH E 4 .  ? 10.962  -9.115  4.314   0.50 17.29 ? 220 HOH A O   1 
HETATM 620 O  O   . HOH E 4 .  ? -7.492  -4.683  0.580   1.00 30.15 ? 221 HOH A O   1 
HETATM 621 O  O   . HOH E 4 .  ? 9.344   3.926   0.447   0.50 18.74 ? 222 HOH A O   1 
HETATM 622 O  O   . HOH E 4 .  ? 6.789   -4.639  12.270  1.00 46.36 ? 223 HOH A O   1 
HETATM 623 O  O   . HOH E 4 .  ? 0.077   11.755  4.345   1.00 31.73 ? 224 HOH A O   1 
HETATM 624 O  O   . HOH E 4 .  ? 7.503   0.127   4.166   1.00 32.12 ? 225 HOH A O   1 
HETATM 625 O  O   . HOH E 4 .  ? 0.364   6.630   -3.664  1.00 32.80 ? 226 HOH A O   1 
HETATM 626 O  O   . HOH E 4 .  ? 10.437  1.879   -4.203  1.00 26.82 ? 227 HOH A O   1 
HETATM 627 O  O   . HOH E 4 .  ? -0.021  9.992   13.159  1.00 32.68 ? 228 HOH A O   1 
HETATM 628 O  O   . HOH E 4 .  ? 3.417   6.673   12.153  1.00 41.86 ? 229 HOH A O   1 
HETATM 629 O  O   . HOH E 4 .  ? 5.906   -0.287  14.436  1.00 46.03 ? 230 HOH A O   1 
HETATM 630 O  O   . HOH E 4 .  ? 6.087   14.283  3.342   1.00 40.53 ? 231 HOH A O   1 
HETATM 631 O  O   . HOH E 4 .  ? -8.405  -6.405  -1.211  1.00 29.23 ? 232 HOH A O   1 
HETATM 632 O  O   . HOH E 4 .  ? 9.602   -0.070  8.444   0.50 25.31 ? 233 HOH A O   1 
HETATM 633 O  O   . HOH E 4 .  ? 5.143   3.431   13.206  1.00 44.85 ? 234 HOH A O   1 
HETATM 634 O  O   . HOH E 4 .  ? 10.948  -6.585  -4.162  1.00 26.62 ? 235 HOH A O   1 
HETATM 635 O  O   . HOH E 4 .  ? -10.075 1.181   -2.869  1.00 32.45 ? 236 HOH A O   1 
HETATM 636 O  O   . HOH E 4 .  ? -10.102 -0.859  -5.286  1.00 29.24 ? 237 HOH A O   1 
HETATM 637 O  O   . HOH E 4 .  ? 0.540   3.980   16.508  1.00 29.43 ? 238 HOH A O   1 
HETATM 638 O  O   . HOH E 4 .  ? -9.022  6.647   -7.194  1.00 43.73 ? 239 HOH A O   1 
HETATM 639 O  O   . HOH E 4 .  ? -9.370  9.841   7.246   1.00 37.51 ? 240 HOH A O   1 
HETATM 640 O  O   . HOH E 4 .  ? -6.316  12.898  9.400   1.00 53.35 ? 241 HOH A O   1 
HETATM 641 O  O   . HOH E 4 .  ? -4.290  -12.957 9.369   1.00 21.79 ? 242 HOH A O   1 
HETATM 642 O  O   . HOH E 4 .  ? -10.039 -2.441  -2.257  1.00 37.05 ? 243 HOH A O   1 
HETATM 643 O  O   . HOH E 4 .  ? -2.708  -13.738 7.532   1.00 22.89 ? 244 HOH A O   1 
HETATM 644 O  O   . HOH E 4 .  ? 9.430   2.420   2.418   0.50 29.70 ? 245 HOH A O   1 
HETATM 645 O  O   . HOH E 4 .  ? 9.477   -5.051  9.321   1.00 30.20 ? 246 HOH A O   1 
HETATM 646 O  O   . HOH E 4 .  ? 11.317  -6.393  1.365   1.00 50.28 ? 247 HOH A O   1 
HETATM 647 O  O   . HOH E 4 .  ? 4.184   0.388   16.267  0.50 36.44 ? 248 HOH A O   1 
HETATM 648 O  O   . HOH E 4 .  ? -4.520  -10.851 7.255   1.00 43.50 ? 249 HOH A O   1 
HETATM 649 O  O   . HOH E 4 .  ? -3.808  -12.216 4.885   1.00 42.53 ? 250 HOH A O   1 
# 
